data_7QFK
#
_entry.id   7QFK
#
_cell.length_a   63.166
_cell.length_b   98.875
_cell.length_c   155.130
_cell.angle_alpha   90.00
_cell.angle_beta   90.00
_cell.angle_gamma   90.00
#
_symmetry.space_group_name_H-M   'P 21 21 21'
#
loop_
_entity.id
_entity.type
_entity.pdbx_description
1 polymer SlpX
2 non-polymer '4-(2-HYDROXYETHYL)-1-PIPERAZINE ETHANESULFONIC ACID'
3 non-polymer 'CHLORIDE ION'
4 non-polymer 'BROMIDE ION'
5 non-polymer 'MERCURY (II) ION'
6 water water
#
_entity_poly.entity_id   1
_entity_poly.type   'polypeptide(L)'
_entity_poly.pdbx_seq_one_letter_code
;MGSTPTDTTQNPQINWTKGGQAQSSSLNGQVFQVAVGSNFNPLNFTNSNGENIIVSAQQSKNNTTFASIEATSNPVNTSE
AGRYYNVTLTATGNTGKKTTATYTVLITSSQKQTLYGNGESTISTYSIYGNNVLCNSTTFKDGDQVYVSDQTKTVGGVSY
SQVSPKSKNDANSSNIWVKTSLEHHHHHH
;
_entity_poly.pdbx_strand_id   A,B,C,D
#
# COMPACT_ATOMS: atom_id res chain seq x y z
N THR A 8 30.79 44.56 -31.10
CA THR A 8 29.86 43.61 -30.36
C THR A 8 30.43 42.99 -29.08
N THR A 9 31.75 42.71 -29.09
CA THR A 9 32.42 41.95 -28.04
C THR A 9 32.36 42.59 -26.64
N GLN A 10 32.32 43.93 -26.57
CA GLN A 10 32.14 44.66 -25.30
C GLN A 10 30.71 44.72 -24.77
N ASN A 11 29.75 44.22 -25.53
CA ASN A 11 28.36 44.28 -25.13
C ASN A 11 27.99 43.13 -24.20
N PRO A 12 26.96 43.30 -23.36
CA PRO A 12 26.48 42.20 -22.52
C PRO A 12 26.12 40.99 -23.38
N GLN A 13 26.24 39.80 -22.80
CA GLN A 13 25.86 38.56 -23.41
C GLN A 13 24.74 37.97 -22.61
N ILE A 14 23.67 37.63 -23.33
CA ILE A 14 22.49 36.98 -22.74
C ILE A 14 22.64 35.45 -22.83
N ASN A 15 22.58 34.81 -21.67
CA ASN A 15 22.63 33.36 -21.49
C ASN A 15 21.24 32.82 -21.07
N TRP A 16 21.03 31.51 -21.22
CA TRP A 16 19.89 30.84 -20.64
C TRP A 16 20.17 29.39 -20.27
N THR A 17 19.39 28.87 -19.32
CA THR A 17 19.44 27.47 -18.94
C THR A 17 18.06 26.88 -19.08
N LYS A 18 18.04 25.60 -19.47
CA LYS A 18 16.85 24.81 -19.59
C LYS A 18 17.09 23.55 -18.78
N GLY A 19 16.19 23.31 -17.82
CA GLY A 19 16.30 22.21 -16.88
C GLY A 19 17.66 22.14 -16.18
N GLY A 20 18.22 23.30 -15.84
CA GLY A 20 19.52 23.38 -15.21
C GLY A 20 20.74 23.42 -16.13
N GLN A 21 20.60 23.04 -17.39
CA GLN A 21 21.74 22.97 -18.33
C GLN A 21 21.85 24.29 -19.12
N ALA A 22 23.00 24.94 -19.01
CA ALA A 22 23.36 26.07 -19.90
C ALA A 22 23.16 25.67 -21.36
N GLN A 23 22.55 26.57 -22.14
CA GLN A 23 22.25 26.34 -23.54
C GLN A 23 23.26 27.00 -24.48
N SER A 24 23.66 26.30 -25.55
CA SER A 24 24.58 26.84 -26.55
C SER A 24 23.82 27.11 -27.83
N SER A 25 22.90 28.06 -27.73
CA SER A 25 22.15 28.61 -28.85
C SER A 25 21.74 29.95 -28.27
N SER A 26 21.61 30.98 -29.10
CA SER A 26 21.20 32.27 -28.58
C SER A 26 19.73 32.21 -28.17
N LEU A 27 19.40 32.91 -27.08
CA LEU A 27 18.04 33.09 -26.63
C LEU A 27 17.22 33.82 -27.71
N ASN A 28 17.90 34.68 -28.46
CA ASN A 28 17.30 35.46 -29.52
C ASN A 28 16.84 34.54 -30.61
N GLY A 29 15.54 34.63 -30.96
CA GLY A 29 14.94 33.79 -31.98
C GLY A 29 14.42 32.46 -31.48
N GLN A 30 14.60 32.12 -30.20
CA GLN A 30 13.99 30.93 -29.64
C GLN A 30 12.46 31.01 -29.67
N VAL A 31 11.83 29.83 -29.84
CA VAL A 31 10.39 29.70 -29.74
C VAL A 31 10.05 28.72 -28.62
N PHE A 32 9.31 29.18 -27.62
CA PHE A 32 8.93 28.34 -26.47
C PHE A 32 7.43 28.06 -26.41
N GLN A 33 7.08 26.92 -25.82
CA GLN A 33 5.72 26.56 -25.51
C GLN A 33 5.46 26.80 -24.04
N VAL A 34 4.37 27.50 -23.74
CA VAL A 34 3.92 27.68 -22.38
C VAL A 34 2.44 27.33 -22.32
N ALA A 35 2.05 26.66 -21.22
CA ALA A 35 0.72 26.09 -21.07
C ALA A 35 -0.29 27.12 -20.65
N VAL A 36 -1.50 26.98 -21.21
CA VAL A 36 -2.61 27.84 -20.89
C VAL A 36 -2.79 27.83 -19.38
N GLY A 37 -2.97 29.02 -18.80
CA GLY A 37 -3.17 29.16 -17.37
C GLY A 37 -1.94 29.30 -16.50
N SER A 38 -0.74 29.03 -17.06
CA SER A 38 0.47 29.08 -16.23
C SER A 38 0.82 30.51 -15.84
N ASN A 39 1.57 30.62 -14.74
CA ASN A 39 2.29 31.85 -14.36
C ASN A 39 3.44 31.97 -15.27
N PHE A 40 3.61 33.14 -15.88
CA PHE A 40 4.75 33.38 -16.74
C PHE A 40 5.52 34.59 -16.19
N ASN A 41 6.83 34.39 -15.98
CA ASN A 41 7.77 35.48 -15.80
C ASN A 41 8.83 35.33 -16.88
N PRO A 42 9.13 36.40 -17.64
CA PRO A 42 10.01 36.29 -18.81
C PRO A 42 11.47 35.97 -18.49
N LEU A 43 11.89 36.09 -17.24
CA LEU A 43 13.23 35.71 -16.81
C LEU A 43 13.33 34.33 -16.19
N ASN A 44 12.17 33.74 -15.90
CA ASN A 44 12.12 32.46 -15.21
C ASN A 44 10.72 31.86 -15.27
N PHE A 45 10.57 30.81 -16.08
CA PHE A 45 9.28 30.20 -16.35
C PHE A 45 9.47 28.77 -16.66
N THR A 46 8.34 28.07 -16.73
CA THR A 46 8.34 26.67 -16.95
C THR A 46 7.63 26.42 -18.24
N ASN A 47 8.27 25.68 -19.16
CA ASN A 47 7.64 25.40 -20.43
C ASN A 47 6.54 24.34 -20.32
N SER A 48 5.84 24.10 -21.44
CA SER A 48 4.72 23.14 -21.51
C SER A 48 5.11 21.74 -21.09
N ASN A 49 6.38 21.39 -21.28
CA ASN A 49 6.87 20.08 -20.88
C ASN A 49 7.47 19.98 -19.51
N GLY A 50 7.38 21.07 -18.76
CA GLY A 50 7.82 21.11 -17.39
C GLY A 50 9.29 21.45 -17.15
N GLU A 51 10.03 21.90 -18.18
CA GLU A 51 11.43 22.30 -18.00
C GLU A 51 11.52 23.78 -17.58
N ASN A 52 12.26 24.03 -16.50
CA ASN A 52 12.49 25.37 -16.01
C ASN A 52 13.52 26.11 -16.92
N ILE A 53 13.12 27.29 -17.39
CA ILE A 53 13.93 28.12 -18.24
C ILE A 53 14.25 29.41 -17.52
N ILE A 54 15.55 29.70 -17.43
CA ILE A 54 16.05 30.80 -16.61
C ILE A 54 16.99 31.61 -17.48
N VAL A 55 16.79 32.93 -17.48
CA VAL A 55 17.58 33.83 -18.32
C VAL A 55 18.49 34.63 -17.42
N SER A 56 19.70 34.89 -17.91
CA SER A 56 20.67 35.71 -17.19
C SER A 56 21.57 36.42 -18.17
N ALA A 57 22.47 37.24 -17.64
CA ALA A 57 23.35 37.97 -18.52
C ALA A 57 24.63 38.27 -17.82
N GLN A 58 25.66 38.51 -18.63
CA GLN A 58 26.97 38.83 -18.13
C GLN A 58 27.51 40.04 -18.86
N GLN A 59 28.47 40.71 -18.24
CA GLN A 59 29.00 41.98 -18.73
C GLN A 59 29.49 41.96 -20.19
N SER A 60 30.05 40.84 -20.61
CA SER A 60 30.57 40.69 -21.97
C SER A 60 30.89 39.26 -22.31
N LYS A 61 31.28 39.04 -23.56
CA LYS A 61 31.67 37.75 -24.07
C LYS A 61 32.75 37.11 -23.18
N ASN A 62 33.69 37.94 -22.70
CA ASN A 62 34.81 37.47 -21.87
C ASN A 62 34.75 37.74 -20.38
N ASN A 63 33.68 38.39 -19.93
CA ASN A 63 33.52 38.74 -18.54
C ASN A 63 32.23 38.18 -18.01
N THR A 64 32.35 37.15 -17.15
CA THR A 64 31.17 36.45 -16.64
C THR A 64 30.48 37.14 -15.46
N THR A 65 31.07 38.25 -14.97
CA THR A 65 30.44 39.08 -13.95
C THR A 65 28.98 39.35 -14.36
N PHE A 66 28.09 39.34 -13.37
CA PHE A 66 26.68 39.54 -13.56
C PHE A 66 26.43 40.86 -14.26
N ALA A 67 25.51 40.83 -15.23
CA ALA A 67 24.93 42.02 -15.81
C ALA A 67 23.39 42.01 -15.63
N SER A 68 22.83 43.18 -15.41
CA SER A 68 21.39 43.37 -15.22
C SER A 68 20.62 43.10 -16.50
N ILE A 69 19.52 42.35 -16.36
CA ILE A 69 18.67 42.05 -17.49
C ILE A 69 17.21 42.10 -17.06
N GLU A 70 16.37 42.66 -17.92
CA GLU A 70 14.95 42.77 -17.65
C GLU A 70 14.17 42.72 -18.95
N ALA A 71 12.87 42.44 -18.85
CA ALA A 71 12.00 42.42 -20.00
C ALA A 71 11.61 43.87 -20.24
N THR A 72 11.93 44.39 -21.42
CA THR A 72 11.50 45.72 -21.79
C THR A 72 10.19 45.64 -22.51
N SER A 73 9.82 44.44 -22.96
CA SER A 73 8.51 44.23 -23.59
C SER A 73 8.02 42.82 -23.32
N ASN A 74 6.99 42.70 -22.47
CA ASN A 74 6.36 41.43 -22.13
C ASN A 74 4.84 41.53 -22.18
N PRO A 75 4.23 41.39 -23.38
CA PRO A 75 2.78 41.32 -23.50
C PRO A 75 2.14 39.95 -23.26
N VAL A 76 2.92 38.98 -22.75
CA VAL A 76 2.45 37.61 -22.65
C VAL A 76 1.25 37.46 -21.76
N ASN A 77 0.27 36.72 -22.25
CA ASN A 77 -1.01 36.44 -21.59
C ASN A 77 -1.28 34.96 -21.83
N THR A 78 -1.44 34.19 -20.74
CA THR A 78 -1.55 32.76 -20.86
C THR A 78 -2.99 32.22 -20.81
N SER A 79 -3.98 33.09 -20.95
CA SER A 79 -5.33 32.67 -20.61
C SER A 79 -6.01 31.88 -21.70
N GLU A 80 -5.51 32.01 -22.93
CA GLU A 80 -6.10 31.40 -24.12
C GLU A 80 -5.01 30.76 -24.99
N ALA A 81 -5.20 29.49 -25.31
CA ALA A 81 -4.35 28.72 -26.20
C ALA A 81 -4.52 29.18 -27.62
N GLY A 82 -3.49 28.99 -28.44
CA GLY A 82 -3.51 29.31 -29.85
C GLY A 82 -3.11 30.74 -30.11
N ARG A 83 -2.61 31.43 -29.08
CA ARG A 83 -2.08 32.81 -29.17
C ARG A 83 -0.56 32.76 -28.95
N TYR A 84 0.18 33.64 -29.62
CA TYR A 84 1.65 33.77 -29.43
C TYR A 84 1.96 35.24 -29.14
N TYR A 85 3.10 35.44 -28.46
CA TYR A 85 3.58 36.74 -27.99
C TYR A 85 5.10 36.76 -28.11
N ASN A 86 5.65 37.90 -28.50
CA ASN A 86 7.08 38.12 -28.47
C ASN A 86 7.47 38.82 -27.18
N VAL A 87 8.63 38.42 -26.66
CA VAL A 87 9.20 38.97 -25.44
C VAL A 87 10.56 39.52 -25.81
N THR A 88 10.82 40.75 -25.40
CA THR A 88 12.09 41.39 -25.61
C THR A 88 12.76 41.63 -24.28
N LEU A 89 13.99 41.12 -24.17
CA LEU A 89 14.86 41.29 -23.03
C LEU A 89 15.98 42.23 -23.39
N THR A 90 16.36 43.08 -22.43
CA THR A 90 17.43 44.02 -22.60
C THR A 90 18.36 43.84 -21.44
N ALA A 91 19.64 43.60 -21.77
CA ALA A 91 20.70 43.56 -20.78
C ALA A 91 21.56 44.81 -20.90
N THR A 92 22.02 45.29 -19.74
CA THR A 92 22.83 46.49 -19.61
C THR A 92 24.09 46.22 -18.79
N GLY A 93 25.26 46.55 -19.37
CA GLY A 93 26.53 46.39 -18.69
C GLY A 93 26.89 47.62 -17.90
N ASN A 94 27.95 47.52 -17.09
CA ASN A 94 28.33 48.62 -16.19
C ASN A 94 28.87 49.88 -16.89
N THR A 95 29.30 49.78 -18.16
CA THR A 95 29.68 50.96 -18.96
C THR A 95 28.49 51.44 -19.77
N GLY A 96 27.34 50.77 -19.62
CA GLY A 96 26.08 51.22 -20.18
C GLY A 96 25.82 50.69 -21.58
N LYS A 97 26.61 49.70 -22.02
CA LYS A 97 26.35 49.03 -23.29
C LYS A 97 25.15 48.07 -23.17
N LYS A 98 24.42 47.92 -24.27
CA LYS A 98 23.18 47.16 -24.28
C LYS A 98 23.18 46.01 -25.25
N THR A 99 22.46 44.94 -24.88
CA THR A 99 22.16 43.83 -25.78
C THR A 99 20.72 43.48 -25.53
N THR A 100 20.00 43.22 -26.63
CA THR A 100 18.63 42.74 -26.56
C THR A 100 18.51 41.40 -27.25
N ALA A 101 17.55 40.59 -26.76
CA ALA A 101 17.16 39.33 -27.34
C ALA A 101 15.65 39.29 -27.35
N THR A 102 15.08 38.71 -28.41
CA THR A 102 13.66 38.56 -28.58
C THR A 102 13.34 37.10 -28.79
N TYR A 103 12.43 36.57 -27.98
CA TYR A 103 11.93 35.19 -28.12
C TYR A 103 10.41 35.20 -28.22
N THR A 104 9.86 34.12 -28.77
CA THR A 104 8.45 33.95 -29.01
C THR A 104 7.91 32.87 -28.08
N VAL A 105 6.75 33.15 -27.49
CA VAL A 105 6.04 32.25 -26.62
C VAL A 105 4.75 31.86 -27.28
N LEU A 106 4.53 30.55 -27.43
CA LEU A 106 3.27 29.98 -27.90
C LEU A 106 2.50 29.49 -26.70
N ILE A 107 1.24 29.93 -26.56
CA ILE A 107 0.40 29.40 -25.54
C ILE A 107 -0.24 28.12 -26.07
N THR A 108 0.07 27.00 -25.41
CA THR A 108 -0.42 25.69 -25.79
C THR A 108 -1.47 25.21 -24.80
N SER A 109 -2.24 24.22 -25.25
CA SER A 109 -3.11 23.50 -24.36
C SER A 109 -2.16 22.62 -23.56
N SER A 110 -2.71 22.06 -22.49
CA SER A 110 -1.94 21.18 -21.61
C SER A 110 -1.28 20.02 -22.37
N GLN A 111 0.01 19.79 -22.09
CA GLN A 111 0.71 18.63 -22.57
C GLN A 111 0.63 17.49 -21.54
N LYS A 112 -0.15 17.71 -20.48
CA LYS A 112 -0.45 16.69 -19.49
C LYS A 112 -1.76 16.02 -19.83
N GLN A 113 -1.97 14.84 -19.23
CA GLN A 113 -3.19 14.07 -19.34
C GLN A 113 -3.76 13.96 -17.96
N THR A 114 -5.08 13.77 -17.92
CA THR A 114 -5.81 13.71 -16.67
C THR A 114 -6.05 12.24 -16.39
N LEU A 115 -5.77 11.83 -15.15
CA LEU A 115 -6.01 10.47 -14.66
C LEU A 115 -7.39 10.37 -14.01
N TYR A 116 -8.18 9.42 -14.50
CA TYR A 116 -9.55 9.16 -13.99
C TYR A 116 -9.56 7.83 -13.23
N GLY A 117 -9.94 7.86 -11.95
CA GLY A 117 -10.09 6.68 -11.14
C GLY A 117 -11.27 5.78 -11.48
N ASN A 118 -12.17 6.28 -12.33
CA ASN A 118 -13.46 5.63 -12.73
C ASN A 118 -14.13 4.86 -11.57
N GLY A 119 -14.48 5.60 -10.51
CA GLY A 119 -14.92 5.01 -9.26
C GLY A 119 -14.05 5.47 -8.10
N GLU A 120 -12.84 4.92 -7.99
CA GLU A 120 -12.00 5.14 -6.80
C GLU A 120 -11.39 6.52 -6.81
N SER A 121 -11.22 7.08 -5.62
CA SER A 121 -10.52 8.35 -5.42
C SER A 121 -9.02 8.15 -5.73
N THR A 122 -8.49 6.98 -5.36
CA THR A 122 -7.09 6.61 -5.56
C THR A 122 -6.80 5.79 -6.84
N ILE A 123 -5.66 6.13 -7.46
CA ILE A 123 -5.15 5.47 -8.64
C ILE A 123 -3.83 4.75 -8.32
N SER A 124 -3.82 3.43 -8.49
CA SER A 124 -2.66 2.61 -8.24
C SER A 124 -1.64 2.84 -9.33
N THR A 125 -0.35 2.77 -8.96
CA THR A 125 0.74 2.73 -9.91
C THR A 125 1.54 1.46 -9.78
N TYR A 126 2.34 1.18 -10.81
CA TYR A 126 3.14 -0.07 -10.93
C TYR A 126 4.58 0.23 -11.39
N SER A 127 5.48 -0.71 -11.11
CA SER A 127 6.81 -0.69 -11.72
C SER A 127 6.97 -1.92 -12.55
N ILE A 128 7.62 -1.75 -13.71
CA ILE A 128 7.84 -2.86 -14.58
C ILE A 128 9.31 -3.15 -14.75
N TYR A 129 9.66 -4.41 -14.55
CA TYR A 129 11.02 -4.94 -14.77
C TYR A 129 10.92 -6.19 -15.65
N GLY A 130 11.33 -6.08 -16.91
CA GLY A 130 11.11 -7.10 -17.90
C GLY A 130 9.62 -7.27 -18.08
N ASN A 131 9.13 -8.48 -17.76
CA ASN A 131 7.73 -8.82 -17.87
C ASN A 131 7.02 -8.97 -16.56
N ASN A 132 7.65 -8.47 -15.51
CA ASN A 132 7.11 -8.49 -14.17
C ASN A 132 6.60 -7.11 -13.81
N VAL A 133 5.37 -7.09 -13.31
CA VAL A 133 4.70 -5.88 -12.92
C VAL A 133 4.56 -5.92 -11.42
N LEU A 134 5.13 -4.93 -10.73
CA LEU A 134 5.10 -4.86 -9.28
C LEU A 134 4.29 -3.65 -8.83
N CYS A 135 3.54 -3.80 -7.74
CA CYS A 135 2.85 -2.68 -7.11
C CYS A 135 3.83 -1.59 -6.66
N ASN A 136 3.63 -0.37 -7.11
CA ASN A 136 4.45 0.77 -6.65
C ASN A 136 3.69 1.40 -5.50
N SER A 137 4.40 2.17 -4.68
CA SER A 137 3.80 2.79 -3.51
C SER A 137 3.20 4.16 -3.88
N THR A 138 3.70 4.79 -4.96
CA THR A 138 3.14 6.05 -5.45
C THR A 138 1.66 5.86 -5.79
N THR A 139 0.81 6.82 -5.42
CA THR A 139 -0.57 6.83 -5.87
C THR A 139 -0.95 8.19 -6.36
N PHE A 140 -1.96 8.23 -7.23
CA PHE A 140 -2.48 9.50 -7.72
C PHE A 140 -3.93 9.60 -7.31
N LYS A 141 -4.42 10.85 -7.26
CA LYS A 141 -5.82 11.17 -7.02
C LYS A 141 -6.50 11.31 -8.36
N ASP A 142 -7.76 10.85 -8.45
CA ASP A 142 -8.63 11.16 -9.57
C ASP A 142 -8.50 12.64 -9.91
N GLY A 143 -8.42 12.95 -11.20
CA GLY A 143 -8.25 14.32 -11.68
C GLY A 143 -6.83 14.88 -11.71
N ASP A 144 -5.85 14.11 -11.21
CA ASP A 144 -4.47 14.53 -11.25
C ASP A 144 -4.01 14.63 -12.71
N GLN A 145 -3.11 15.58 -12.93
CA GLN A 145 -2.53 15.80 -14.20
C GLN A 145 -1.07 15.38 -14.21
N VAL A 146 -0.72 14.55 -15.18
CA VAL A 146 0.61 14.04 -15.35
C VAL A 146 1.03 14.00 -16.81
N TYR A 147 2.35 14.04 -17.03
CA TYR A 147 2.99 13.75 -18.33
C TYR A 147 2.97 12.22 -18.56
N VAL A 148 2.71 11.82 -19.79
CA VAL A 148 2.65 10.45 -20.19
C VAL A 148 3.62 10.22 -21.34
N SER A 149 4.43 9.18 -21.22
CA SER A 149 5.35 8.83 -22.28
C SER A 149 4.53 8.36 -23.47
N ASP A 150 5.04 8.61 -24.69
CA ASP A 150 4.41 8.14 -25.93
C ASP A 150 4.47 6.62 -26.15
N GLN A 151 5.40 5.92 -25.48
CA GLN A 151 5.49 4.47 -25.57
C GLN A 151 4.76 3.79 -24.43
N THR A 152 3.70 3.06 -24.77
CA THR A 152 2.99 2.21 -23.84
C THR A 152 3.69 0.85 -23.83
N LYS A 153 3.35 0.01 -22.87
CA LYS A 153 3.94 -1.31 -22.71
C LYS A 153 2.84 -2.24 -22.29
N THR A 154 2.77 -3.42 -22.92
CA THR A 154 1.70 -4.38 -22.66
C THR A 154 2.29 -5.64 -22.06
N VAL A 155 1.70 -6.10 -20.95
CA VAL A 155 2.21 -7.23 -20.18
C VAL A 155 1.01 -7.99 -19.70
N GLY A 156 0.98 -9.28 -20.05
CA GLY A 156 -0.16 -10.14 -19.81
C GLY A 156 -1.41 -9.59 -20.47
N GLY A 157 -1.27 -9.00 -21.67
CA GLY A 157 -2.37 -8.43 -22.43
C GLY A 157 -2.99 -7.16 -21.86
N VAL A 158 -2.37 -6.57 -20.83
CA VAL A 158 -2.81 -5.33 -20.20
C VAL A 158 -1.84 -4.24 -20.62
N SER A 159 -2.38 -3.09 -21.05
CA SER A 159 -1.57 -1.95 -21.45
C SER A 159 -1.30 -1.04 -20.25
N TYR A 160 -0.05 -0.55 -20.16
CA TYR A 160 0.43 0.37 -19.11
C TYR A 160 1.07 1.59 -19.76
N SER A 161 0.86 2.77 -19.14
CA SER A 161 1.45 4.02 -19.58
C SER A 161 2.38 4.56 -18.49
N GLN A 162 3.53 5.09 -18.91
CA GLN A 162 4.59 5.53 -18.02
C GLN A 162 4.43 7.00 -17.81
N VAL A 163 4.40 7.43 -16.56
CA VAL A 163 3.97 8.77 -16.23
C VAL A 163 4.91 9.48 -15.28
N SER A 164 4.75 10.79 -15.17
CA SER A 164 5.49 11.60 -14.23
C SER A 164 4.78 12.93 -14.05
N PRO A 165 4.63 13.40 -12.80
CA PRO A 165 4.09 14.73 -12.56
C PRO A 165 5.10 15.86 -12.85
N LYS A 166 6.39 15.53 -13.03
CA LYS A 166 7.45 16.53 -13.10
C LYS A 166 7.70 17.06 -14.51
N SER A 167 7.97 16.15 -15.46
CA SER A 167 8.14 16.54 -16.85
C SER A 167 7.88 15.42 -17.80
N LYS A 168 7.70 15.79 -19.06
CA LYS A 168 7.52 14.87 -20.16
C LYS A 168 8.69 13.91 -20.24
N ASN A 169 9.88 14.48 -20.10
CA ASN A 169 11.07 13.70 -20.29
C ASN A 169 11.25 12.68 -19.16
N ASP A 170 10.96 13.09 -17.93
CA ASP A 170 10.94 12.19 -16.79
C ASP A 170 9.96 11.04 -16.94
N ALA A 171 8.84 11.25 -17.64
CA ALA A 171 7.89 10.17 -17.87
C ALA A 171 8.44 9.02 -18.70
N ASN A 172 9.49 9.27 -19.50
CA ASN A 172 10.13 8.21 -20.27
C ASN A 172 10.95 7.20 -19.48
N SER A 173 11.29 7.52 -18.22
CA SER A 173 12.14 6.66 -17.41
C SER A 173 11.77 6.62 -15.91
N SER A 174 10.55 7.05 -15.56
CA SER A 174 10.15 7.15 -14.15
C SER A 174 9.98 5.77 -13.48
N ASN A 175 9.69 4.76 -14.30
CA ASN A 175 9.22 3.46 -13.86
C ASN A 175 8.03 3.53 -12.90
N ILE A 176 7.18 4.55 -13.12
CA ILE A 176 5.88 4.68 -12.48
C ILE A 176 4.87 4.53 -13.61
N TRP A 177 4.08 3.46 -13.56
CA TRP A 177 3.17 3.15 -14.63
C TRP A 177 1.76 3.08 -14.06
N VAL A 178 0.78 3.46 -14.89
CA VAL A 178 -0.65 3.25 -14.58
C VAL A 178 -1.24 2.40 -15.69
N LYS A 179 -2.38 1.77 -15.41
CA LYS A 179 -3.08 1.00 -16.44
C LYS A 179 -3.64 2.00 -17.45
N THR A 180 -3.38 1.79 -18.74
CA THR A 180 -3.74 2.75 -19.77
C THR A 180 -5.27 2.84 -19.84
N SER A 181 -5.79 4.07 -19.93
CA SER A 181 -7.21 4.35 -20.21
C SER A 181 -8.11 3.82 -19.09
N THR B 8 9.21 64.28 -5.69
CA THR B 8 9.16 62.81 -5.38
C THR B 8 7.97 61.98 -5.92
N THR B 9 6.80 62.63 -5.95
CA THR B 9 5.53 61.99 -6.33
C THR B 9 5.50 61.46 -7.78
N GLN B 10 6.21 62.13 -8.70
CA GLN B 10 6.37 61.75 -10.10
C GLN B 10 7.44 60.68 -10.35
N ASN B 11 8.12 60.21 -9.29
CA ASN B 11 9.23 59.28 -9.51
C ASN B 11 8.75 57.85 -9.72
N PRO B 12 9.57 56.98 -10.35
CA PRO B 12 9.22 55.58 -10.51
C PRO B 12 8.97 54.95 -9.13
N GLN B 13 8.10 53.95 -9.11
CA GLN B 13 7.80 53.17 -7.94
C GLN B 13 8.31 51.77 -8.20
N ILE B 14 9.10 51.27 -7.25
CA ILE B 14 9.61 49.92 -7.26
C ILE B 14 8.65 49.04 -6.47
N ASN B 15 8.14 47.99 -7.16
CA ASN B 15 7.24 47.01 -6.61
C ASN B 15 7.97 45.68 -6.38
N TRP B 16 7.42 44.89 -5.46
CA TRP B 16 7.77 43.50 -5.35
C TRP B 16 6.60 42.60 -4.99
N THR B 17 6.71 41.32 -5.37
CA THR B 17 5.74 40.31 -5.04
C THR B 17 6.48 39.17 -4.35
N LYS B 18 5.76 38.54 -3.41
CA LYS B 18 6.22 37.40 -2.67
C LYS B 18 5.10 36.36 -2.80
N GLY B 19 5.48 35.17 -3.28
CA GLY B 19 4.54 34.12 -3.61
C GLY B 19 3.39 34.55 -4.49
N GLY B 20 3.61 35.47 -5.44
CA GLY B 20 2.56 35.98 -6.29
C GLY B 20 1.77 37.18 -5.77
N GLN B 21 1.86 37.49 -4.48
CA GLN B 21 1.11 38.60 -3.89
C GLN B 21 1.95 39.87 -3.87
N ALA B 22 1.48 40.93 -4.51
CA ALA B 22 2.04 42.27 -4.38
C ALA B 22 2.19 42.62 -2.89
N GLN B 23 3.34 43.19 -2.54
CA GLN B 23 3.66 43.59 -1.18
C GLN B 23 3.44 45.08 -0.91
N SER B 24 2.89 45.43 0.25
CA SER B 24 2.69 46.80 0.64
C SER B 24 3.68 47.15 1.73
N SER B 25 4.94 47.19 1.33
CA SER B 25 6.06 47.64 2.14
C SER B 25 7.08 47.98 1.09
N SER B 26 7.94 48.96 1.33
CA SER B 26 8.97 49.31 0.40
C SER B 26 10.01 48.20 0.30
N LEU B 27 10.47 47.90 -0.92
CA LEU B 27 11.54 46.97 -1.17
C LEU B 27 12.82 47.45 -0.47
N ASN B 28 12.97 48.78 -0.39
CA ASN B 28 14.15 49.39 0.22
C ASN B 28 14.20 49.03 1.69
N GLY B 29 15.34 48.47 2.12
CA GLY B 29 15.56 48.05 3.48
C GLY B 29 15.02 46.66 3.82
N GLN B 30 14.44 45.95 2.84
CA GLN B 30 14.06 44.56 3.05
C GLN B 30 15.28 43.68 3.27
N VAL B 31 15.09 42.63 4.07
CA VAL B 31 16.11 41.63 4.34
C VAL B 31 15.57 40.27 3.97
N PHE B 32 16.21 39.62 3.00
CA PHE B 32 15.76 38.31 2.50
C PHE B 32 16.74 37.20 2.80
N GLN B 33 16.20 35.99 2.96
CA GLN B 33 16.98 34.79 3.15
C GLN B 33 17.02 34.02 1.86
N VAL B 34 18.22 33.65 1.43
CA VAL B 34 18.40 32.80 0.28
C VAL B 34 19.34 31.67 0.70
N ALA B 35 19.03 30.46 0.22
CA ALA B 35 19.76 29.26 0.65
C ALA B 35 21.09 29.10 -0.05
N VAL B 36 22.07 28.59 0.68
CA VAL B 36 23.37 28.28 0.14
C VAL B 36 23.18 27.40 -1.09
N GLY B 37 23.87 27.72 -2.19
CA GLY B 37 23.77 26.98 -3.44
C GLY B 37 22.65 27.36 -4.42
N SER B 38 21.72 28.21 -3.98
CA SER B 38 20.64 28.67 -4.86
C SER B 38 21.12 29.46 -6.07
N ASN B 39 20.28 29.43 -7.11
CA ASN B 39 20.25 30.43 -8.19
C ASN B 39 19.73 31.72 -7.65
N PHE B 40 20.36 32.82 -7.97
CA PHE B 40 19.90 34.13 -7.54
C PHE B 40 19.94 35.05 -8.74
N ASN B 41 18.82 35.71 -9.02
CA ASN B 41 18.73 36.88 -9.87
C ASN B 41 18.05 37.95 -9.03
N PRO B 42 18.58 39.19 -9.01
CA PRO B 42 18.06 40.24 -8.13
C PRO B 42 16.63 40.70 -8.44
N LEU B 43 16.12 40.39 -9.63
CA LEU B 43 14.74 40.70 -10.00
C LEU B 43 13.79 39.51 -9.89
N ASN B 44 14.32 38.32 -9.64
CA ASN B 44 13.52 37.11 -9.57
C ASN B 44 14.31 35.96 -8.91
N PHE B 45 13.97 35.61 -7.66
CA PHE B 45 14.67 34.59 -6.91
C PHE B 45 13.72 33.97 -5.93
N THR B 46 14.18 32.88 -5.31
CA THR B 46 13.34 32.14 -4.42
C THR B 46 13.99 32.18 -3.07
N ASN B 47 13.21 32.57 -2.05
CA ASN B 47 13.75 32.63 -0.71
C ASN B 47 13.98 31.23 -0.08
N SER B 48 14.62 31.22 1.08
CA SER B 48 14.95 30.02 1.85
C SER B 48 13.72 29.16 2.18
N ASN B 49 12.56 29.80 2.28
CA ASN B 49 11.34 29.10 2.55
C ASN B 49 10.53 28.68 1.34
N GLY B 50 11.11 28.90 0.16
CA GLY B 50 10.48 28.52 -1.09
C GLY B 50 9.49 29.50 -1.71
N GLU B 51 9.40 30.74 -1.22
CA GLU B 51 8.55 31.76 -1.86
C GLU B 51 9.27 32.49 -2.99
N ASN B 52 8.66 32.57 -4.18
CA ASN B 52 9.20 33.33 -5.30
C ASN B 52 9.04 34.86 -5.03
N ILE B 53 10.15 35.58 -5.17
CA ILE B 53 10.19 37.01 -5.03
C ILE B 53 10.56 37.64 -6.37
N ILE B 54 9.73 38.59 -6.81
CA ILE B 54 9.86 39.22 -8.09
C ILE B 54 9.85 40.73 -7.90
N VAL B 55 10.83 41.42 -8.50
CA VAL B 55 10.96 42.85 -8.41
C VAL B 55 10.70 43.44 -9.78
N SER B 56 10.02 44.59 -9.80
CA SER B 56 9.66 45.29 -11.02
C SER B 56 9.45 46.77 -10.71
N ALA B 57 9.14 47.57 -11.73
CA ALA B 57 8.91 48.97 -11.48
C ALA B 57 7.91 49.52 -12.43
N GLN B 58 7.28 50.62 -12.01
CA GLN B 58 6.31 51.31 -12.83
C GLN B 58 6.64 52.80 -12.82
N GLN B 59 6.13 53.51 -13.81
CA GLN B 59 6.44 54.91 -14.03
C GLN B 59 6.24 55.83 -12.83
N SER B 60 5.22 55.54 -12.02
CA SER B 60 4.89 56.35 -10.84
C SER B 60 3.86 55.66 -9.97
N LYS B 61 3.60 56.25 -8.81
CA LYS B 61 2.63 55.68 -7.89
C LYS B 61 1.25 55.54 -8.54
N ASN B 62 0.91 56.43 -9.48
CA ASN B 62 -0.38 56.41 -10.16
C ASN B 62 -0.42 55.92 -11.59
N ASN B 63 0.75 55.54 -12.13
CA ASN B 63 0.85 55.03 -13.48
C ASN B 63 1.55 53.67 -13.48
N THR B 64 0.78 52.61 -13.79
CA THR B 64 1.29 51.24 -13.73
C THR B 64 2.10 50.81 -14.94
N THR B 65 2.18 51.66 -15.96
CA THR B 65 3.02 51.43 -17.13
C THR B 65 4.40 51.02 -16.66
N PHE B 66 4.99 50.05 -17.38
CA PHE B 66 6.29 49.51 -17.10
C PHE B 66 7.30 50.65 -17.05
N ALA B 67 8.19 50.56 -16.04
CA ALA B 67 9.39 51.37 -15.99
C ALA B 67 10.63 50.50 -15.91
N SER B 68 11.69 50.96 -16.56
CA SER B 68 12.98 50.27 -16.60
C SER B 68 13.61 50.25 -15.19
N ILE B 69 14.14 49.07 -14.84
CA ILE B 69 14.86 48.88 -13.62
C ILE B 69 16.09 48.02 -13.89
N GLU B 70 17.20 48.41 -13.27
CA GLU B 70 18.41 47.64 -13.38
C GLU B 70 19.08 47.57 -12.03
N ALA B 71 19.66 46.41 -11.76
CA ALA B 71 20.49 46.20 -10.61
C ALA B 71 21.84 46.79 -10.97
N THR B 72 22.23 47.84 -10.26
CA THR B 72 23.45 48.53 -10.55
C THR B 72 24.54 47.96 -9.69
N SER B 73 24.16 47.21 -8.65
CA SER B 73 25.11 46.53 -7.80
C SER B 73 24.50 45.23 -7.31
N ASN B 74 25.05 44.11 -7.81
CA ASN B 74 24.66 42.75 -7.40
C ASN B 74 25.88 41.88 -7.14
N PRO B 75 26.51 41.99 -5.95
CA PRO B 75 27.63 41.14 -5.58
C PRO B 75 27.23 39.78 -4.96
N VAL B 76 25.95 39.40 -5.07
CA VAL B 76 25.47 38.25 -4.33
C VAL B 76 26.11 36.98 -4.82
N ASN B 77 26.53 36.16 -3.85
CA ASN B 77 27.26 34.91 -4.07
C ASN B 77 26.67 33.93 -3.07
N THR B 78 26.13 32.80 -3.58
CA THR B 78 25.40 31.90 -2.71
C THR B 78 26.21 30.69 -2.22
N SER B 79 27.53 30.71 -2.38
CA SER B 79 28.30 29.49 -2.20
C SER B 79 28.57 29.15 -0.75
N GLU B 80 28.47 30.16 0.13
CA GLU B 80 28.82 30.04 1.54
C GLU B 80 27.77 30.71 2.41
N ALA B 81 27.24 29.94 3.36
CA ALA B 81 26.29 30.41 4.34
C ALA B 81 26.97 31.31 5.34
N GLY B 82 26.20 32.21 5.96
CA GLY B 82 26.67 33.09 7.00
C GLY B 82 27.31 34.36 6.44
N ARG B 83 27.10 34.60 5.15
CA ARG B 83 27.49 35.85 4.47
C ARG B 83 26.22 36.61 4.10
N TYR B 84 26.31 37.93 4.06
CA TYR B 84 25.22 38.82 3.54
C TYR B 84 25.80 39.76 2.48
N TYR B 85 24.92 40.22 1.62
CA TYR B 85 25.22 41.07 0.44
C TYR B 85 24.06 42.06 0.24
N ASN B 86 24.41 43.30 -0.08
CA ASN B 86 23.44 44.29 -0.45
C ASN B 86 23.27 44.34 -1.96
N VAL B 87 22.03 44.53 -2.40
CA VAL B 87 21.67 44.66 -3.80
C VAL B 87 21.04 46.03 -3.98
N THR B 88 21.53 46.76 -4.98
CA THR B 88 21.02 48.09 -5.27
C THR B 88 20.39 48.11 -6.64
N LEU B 89 19.13 48.54 -6.66
CA LEU B 89 18.33 48.67 -7.87
C LEU B 89 18.08 50.14 -8.11
N THR B 90 18.07 50.55 -9.38
CA THR B 90 17.65 51.86 -9.78
C THR B 90 16.61 51.72 -10.85
N ALA B 91 15.47 52.40 -10.64
CA ALA B 91 14.44 52.52 -11.67
C ALA B 91 14.48 53.93 -12.29
N THR B 92 14.25 53.99 -13.60
CA THR B 92 14.20 55.21 -14.40
C THR B 92 12.89 55.31 -15.21
N GLY B 93 12.18 56.42 -15.07
CA GLY B 93 10.94 56.65 -15.82
C GLY B 93 11.18 57.26 -17.19
N ASN B 94 10.13 57.39 -17.98
CA ASN B 94 10.19 57.98 -19.33
C ASN B 94 10.71 59.42 -19.41
N THR B 95 10.50 60.19 -18.35
CA THR B 95 10.98 61.57 -18.26
C THR B 95 12.36 61.60 -17.60
N GLY B 96 12.88 60.43 -17.23
CA GLY B 96 14.23 60.27 -16.73
C GLY B 96 14.36 60.46 -15.23
N LYS B 97 13.25 60.48 -14.50
CA LYS B 97 13.31 60.53 -13.05
C LYS B 97 13.68 59.16 -12.45
N LYS B 98 14.37 59.18 -11.32
CA LYS B 98 14.98 58.01 -10.74
C LYS B 98 14.49 57.68 -9.34
N THR B 99 14.43 56.37 -9.04
CA THR B 99 14.16 55.86 -7.71
C THR B 99 15.10 54.70 -7.50
N THR B 100 15.71 54.66 -6.31
CA THR B 100 16.71 53.66 -5.96
C THR B 100 16.24 52.92 -4.74
N ALA B 101 16.48 51.60 -4.69
CA ALA B 101 16.19 50.79 -3.52
C ALA B 101 17.36 49.86 -3.28
N THR B 102 17.65 49.61 -2.00
CA THR B 102 18.68 48.67 -1.60
C THR B 102 18.06 47.66 -0.67
N TYR B 103 18.29 46.39 -0.95
CA TYR B 103 17.87 45.29 -0.04
C TYR B 103 19.08 44.41 0.29
N THR B 104 18.97 43.65 1.38
CA THR B 104 20.00 42.80 1.87
C THR B 104 19.57 41.35 1.71
N VAL B 105 20.51 40.53 1.24
CA VAL B 105 20.34 39.10 1.11
C VAL B 105 21.27 38.39 2.10
N LEU B 106 20.68 37.54 2.94
CA LEU B 106 21.43 36.65 3.82
C LEU B 106 21.48 35.26 3.20
N ILE B 107 22.69 34.72 3.07
CA ILE B 107 22.86 33.36 2.63
C ILE B 107 22.70 32.44 3.84
N THR B 108 21.67 31.59 3.81
CA THR B 108 21.35 30.72 4.93
C THR B 108 21.68 29.27 4.59
N SER B 109 21.79 28.48 5.66
CA SER B 109 21.79 27.05 5.54
C SER B 109 20.42 26.67 5.11
N SER B 110 20.29 25.47 4.54
CA SER B 110 18.99 24.98 4.12
C SER B 110 17.96 25.09 5.27
N GLN B 111 16.77 25.55 4.92
CA GLN B 111 15.65 25.57 5.85
C GLN B 111 14.85 24.28 5.73
N LYS B 112 15.34 23.35 4.93
CA LYS B 112 14.80 22.01 4.84
C LYS B 112 15.53 21.08 5.79
N GLN B 113 14.89 19.93 6.06
CA GLN B 113 15.46 18.85 6.83
C GLN B 113 15.57 17.66 5.91
N THR B 114 16.59 16.87 6.18
CA THR B 114 16.86 15.69 5.38
C THR B 114 16.32 14.50 6.15
N LEU B 115 15.53 13.66 5.47
CA LEU B 115 14.82 12.57 6.07
C LEU B 115 15.60 11.27 6.03
N TYR B 116 15.71 10.67 7.22
CA TYR B 116 16.27 9.33 7.49
C TYR B 116 15.11 8.50 8.06
N GLY B 119 17.55 2.87 9.14
CA GLY B 119 17.25 1.46 9.02
C GLY B 119 16.65 1.12 7.66
N GLU B 120 15.35 1.45 7.49
CA GLU B 120 14.64 1.24 6.23
C GLU B 120 15.13 2.18 5.13
N SER B 121 15.06 1.67 3.89
CA SER B 121 15.27 2.45 2.69
C SER B 121 14.22 3.58 2.56
N THR B 122 12.95 3.26 2.88
CA THR B 122 11.83 4.21 2.72
C THR B 122 11.27 4.71 4.04
N ILE B 123 10.63 5.89 3.96
CA ILE B 123 10.03 6.59 5.10
C ILE B 123 8.52 6.73 4.92
N SER B 124 7.74 6.14 5.84
CA SER B 124 6.29 6.16 5.77
C SER B 124 5.77 7.54 6.07
N THR B 125 4.63 7.87 5.44
CA THR B 125 3.89 9.08 5.73
C THR B 125 2.51 8.75 6.21
N TYR B 126 1.92 9.72 6.92
CA TYR B 126 0.61 9.58 7.59
C TYR B 126 -0.25 10.82 7.39
N SER B 127 -1.57 10.64 7.51
CA SER B 127 -2.48 11.76 7.60
C SER B 127 -3.18 11.66 8.90
N ILE B 128 -3.41 12.83 9.54
CA ILE B 128 -4.07 12.87 10.81
C ILE B 128 -5.38 13.62 10.70
N TYR B 129 -6.44 12.99 11.20
CA TYR B 129 -7.80 13.57 11.29
C TYR B 129 -8.31 13.41 12.73
N GLY B 130 -8.37 14.50 13.47
CA GLY B 130 -8.61 14.47 14.90
C GLY B 130 -7.46 13.70 15.53
N ASN B 131 -7.81 12.58 16.15
CA ASN B 131 -6.91 11.74 16.88
C ASN B 131 -6.60 10.41 16.15
N ASN B 132 -7.02 10.32 14.89
CA ASN B 132 -6.85 9.16 14.08
C ASN B 132 -5.72 9.39 13.09
N VAL B 133 -4.83 8.40 13.02
CA VAL B 133 -3.69 8.45 12.14
C VAL B 133 -3.91 7.43 11.04
N LEU B 134 -3.88 7.87 9.78
CA LEU B 134 -4.02 6.98 8.64
C LEU B 134 -2.73 6.90 7.85
N CYS B 135 -2.34 5.67 7.50
CA CYS B 135 -1.21 5.41 6.67
C CYS B 135 -1.46 5.98 5.27
N ASN B 136 -0.53 6.77 4.74
CA ASN B 136 -0.46 6.90 3.26
C ASN B 136 0.38 5.78 2.72
N SER B 137 0.19 5.43 1.44
CA SER B 137 1.15 4.54 0.77
C SER B 137 2.34 5.35 0.21
N THR B 138 2.10 6.64 -0.07
CA THR B 138 3.15 7.60 -0.43
C THR B 138 4.30 7.58 0.58
N THR B 139 5.52 7.59 0.05
CA THR B 139 6.71 7.45 0.87
C THR B 139 7.76 8.46 0.47
N PHE B 140 8.72 8.68 1.35
CA PHE B 140 9.93 9.40 1.02
C PHE B 140 11.10 8.44 1.07
N LYS B 141 12.13 8.76 0.29
CA LYS B 141 13.38 8.05 0.23
C LYS B 141 14.36 8.66 1.22
N ASP B 142 15.20 7.81 1.82
CA ASP B 142 16.36 8.26 2.54
C ASP B 142 17.05 9.42 1.82
N GLY B 143 17.40 10.46 2.58
CA GLY B 143 18.01 11.68 2.08
C GLY B 143 17.11 12.72 1.40
N ASP B 144 15.80 12.46 1.33
CA ASP B 144 14.86 13.43 0.72
C ASP B 144 14.82 14.68 1.58
N GLN B 145 14.59 15.83 0.96
CA GLN B 145 14.61 17.10 1.69
C GLN B 145 13.23 17.72 1.69
N VAL B 146 12.75 18.06 2.89
CA VAL B 146 11.47 18.67 3.08
C VAL B 146 11.49 19.77 4.14
N TYR B 147 10.53 20.70 4.02
CA TYR B 147 10.17 21.67 5.07
C TYR B 147 9.36 20.95 6.15
N VAL B 148 9.60 21.29 7.41
CA VAL B 148 8.93 20.71 8.53
C VAL B 148 8.31 21.82 9.36
N SER B 149 7.03 21.66 9.70
CA SER B 149 6.33 22.61 10.52
C SER B 149 6.94 22.57 11.92
N ASP B 150 6.92 23.72 12.58
CA ASP B 150 7.39 23.90 13.96
C ASP B 150 6.52 23.26 15.01
N GLN B 151 5.24 23.00 14.70
CA GLN B 151 4.33 22.32 15.60
C GLN B 151 4.26 20.82 15.31
N THR B 152 4.73 20.02 16.27
CA THR B 152 4.59 18.57 16.21
C THR B 152 3.25 18.22 16.83
N LYS B 153 2.81 16.98 16.64
CA LYS B 153 1.56 16.48 17.18
C LYS B 153 1.76 15.07 17.65
N THR B 154 1.29 14.77 18.86
CA THR B 154 1.51 13.49 19.49
C THR B 154 0.18 12.74 19.62
N VAL B 155 0.16 11.48 19.20
CA VAL B 155 -1.05 10.68 19.14
C VAL B 155 -0.66 9.28 19.49
N GLY B 156 -1.34 8.73 20.51
CA GLY B 156 -0.99 7.43 21.08
C GLY B 156 0.45 7.39 21.56
N GLY B 157 0.93 8.51 22.14
CA GLY B 157 2.28 8.61 22.67
C GLY B 157 3.40 8.72 21.64
N VAL B 158 3.04 8.80 20.35
CA VAL B 158 4.01 8.90 19.26
C VAL B 158 3.95 10.31 18.70
N SER B 159 5.13 10.92 18.50
CA SER B 159 5.24 12.25 17.93
C SER B 159 5.34 12.19 16.42
N TYR B 160 4.62 13.10 15.74
CA TYR B 160 4.57 13.24 14.27
C TYR B 160 4.91 14.67 13.89
N SER B 161 5.65 14.83 12.78
CA SER B 161 6.00 16.12 12.24
C SER B 161 5.37 16.28 10.85
N GLN B 162 4.86 17.49 10.60
CA GLN B 162 4.11 17.79 9.37
C GLN B 162 5.04 18.40 8.38
N VAL B 163 5.07 17.86 7.15
CA VAL B 163 6.10 18.19 6.19
C VAL B 163 5.56 18.56 4.80
N SER B 164 6.41 19.14 3.96
CA SER B 164 6.06 19.48 2.59
C SER B 164 7.35 19.74 1.82
N PRO B 165 7.48 19.23 0.59
CA PRO B 165 8.64 19.57 -0.24
C PRO B 165 8.54 20.96 -0.89
N LYS B 166 7.38 21.61 -0.84
CA LYS B 166 7.14 22.85 -1.59
C LYS B 166 7.57 24.13 -0.85
N SER B 167 7.05 24.32 0.38
CA SER B 167 7.45 25.44 1.20
C SER B 167 7.21 25.19 2.65
N LYS B 168 7.84 26.04 3.47
CA LYS B 168 7.68 26.03 4.90
C LYS B 168 6.20 26.20 5.25
N ASN B 169 5.56 27.14 4.56
CA ASN B 169 4.22 27.48 4.90
C ASN B 169 3.24 26.34 4.57
N ASP B 170 3.46 25.68 3.45
CA ASP B 170 2.72 24.48 3.07
C ASP B 170 2.86 23.35 4.06
N ALA B 171 4.01 23.25 4.73
CA ALA B 171 4.17 22.21 5.75
C ALA B 171 3.25 22.35 6.95
N ASN B 172 2.71 23.56 7.18
CA ASN B 172 1.77 23.78 8.27
C ASN B 172 0.36 23.22 8.07
N SER B 173 0.04 22.84 6.84
CA SER B 173 -1.31 22.35 6.50
C SER B 173 -1.34 21.26 5.44
N SER B 174 -0.20 20.61 5.18
CA SER B 174 -0.11 19.56 4.13
C SER B 174 -0.92 18.30 4.45
N ASN B 175 -1.11 18.05 5.75
CA ASN B 175 -1.56 16.76 6.26
C ASN B 175 -0.76 15.54 5.76
N ILE B 176 0.53 15.77 5.52
CA ILE B 176 1.52 14.73 5.29
C ILE B 176 2.46 14.74 6.49
N TRP B 177 2.44 13.67 7.28
CA TRP B 177 3.19 13.60 8.49
C TRP B 177 4.13 12.42 8.43
N VAL B 178 5.27 12.55 9.11
CA VAL B 178 6.22 11.46 9.33
C VAL B 178 6.40 11.32 10.83
N LYS B 179 6.88 10.16 11.29
CA LYS B 179 7.18 10.01 12.70
C LYS B 179 8.39 10.89 13.01
N THR B 180 8.31 11.70 14.07
CA THR B 180 9.42 12.57 14.48
C THR B 180 10.52 11.60 14.99
N SER B 181 11.77 11.81 14.58
CA SER B 181 12.69 10.64 14.38
C SER B 181 12.89 9.64 15.55
N ASP C 7 -33.74 -54.56 2.78
CA ASP C 7 -34.13 -53.33 3.59
C ASP C 7 -32.93 -52.44 4.08
N THR C 8 -32.85 -51.22 3.54
CA THR C 8 -31.66 -50.35 3.61
C THR C 8 -31.58 -49.33 4.75
N THR C 9 -32.73 -48.93 5.33
CA THR C 9 -32.82 -47.73 6.17
C THR C 9 -32.01 -47.83 7.49
N GLN C 10 -31.89 -49.04 8.05
CA GLN C 10 -31.06 -49.28 9.24
C GLN C 10 -29.56 -49.46 8.96
N ASN C 11 -29.17 -49.44 7.69
CA ASN C 11 -27.76 -49.62 7.36
C ASN C 11 -26.95 -48.34 7.49
N PRO C 12 -25.63 -48.46 7.72
CA PRO C 12 -24.76 -47.30 7.81
C PRO C 12 -24.83 -46.47 6.53
N GLN C 13 -24.61 -45.16 6.69
CA GLN C 13 -24.54 -44.25 5.59
C GLN C 13 -23.12 -43.72 5.50
N ILE C 14 -22.57 -43.83 4.29
CA ILE C 14 -21.27 -43.31 3.96
C ILE C 14 -21.36 -41.89 3.42
N ASN C 15 -20.65 -40.98 4.10
CA ASN C 15 -20.57 -39.55 3.81
C ASN C 15 -19.20 -39.21 3.27
N TRP C 16 -19.14 -38.11 2.49
CA TRP C 16 -17.88 -37.56 2.08
C TRP C 16 -17.89 -36.06 1.97
N THR C 17 -16.71 -35.47 2.19
CA THR C 17 -16.50 -34.05 2.04
C THR C 17 -15.37 -33.82 1.06
N LYS C 18 -15.54 -32.77 0.26
CA LYS C 18 -14.57 -32.30 -0.71
C LYS C 18 -14.31 -30.84 -0.38
N GLY C 19 -13.05 -30.51 -0.11
CA GLY C 19 -12.64 -29.20 0.36
C GLY C 19 -13.43 -28.66 1.52
N GLY C 20 -13.79 -29.51 2.47
CA GLY C 20 -14.59 -29.10 3.61
C GLY C 20 -16.11 -29.21 3.44
N GLN C 21 -16.62 -29.27 2.20
CA GLN C 21 -18.05 -29.26 1.95
C GLN C 21 -18.62 -30.67 1.84
N ALA C 22 -19.58 -30.99 2.70
CA ALA C 22 -20.39 -32.20 2.58
C ALA C 22 -20.94 -32.31 1.15
N GLN C 23 -20.83 -33.51 0.56
CA GLN C 23 -21.30 -33.79 -0.78
C GLN C 23 -22.63 -34.55 -0.74
N SER C 24 -23.56 -34.19 -1.61
CA SER C 24 -24.87 -34.85 -1.61
C SER C 24 -25.00 -36.09 -2.51
N SER C 25 -24.01 -36.29 -3.41
CA SER C 25 -24.00 -37.39 -4.34
C SER C 25 -23.37 -38.53 -3.59
N SER C 26 -23.76 -39.76 -3.90
CA SER C 26 -23.20 -40.90 -3.18
C SER C 26 -21.73 -41.08 -3.56
N LEU C 27 -20.93 -41.48 -2.58
CA LEU C 27 -19.52 -41.81 -2.79
C LEU C 27 -19.41 -42.96 -3.77
N ASN C 28 -20.40 -43.85 -3.73
CA ASN C 28 -20.42 -45.02 -4.57
C ASN C 28 -20.56 -44.59 -6.02
N GLY C 29 -19.64 -45.05 -6.88
CA GLY C 29 -19.62 -44.69 -8.27
C GLY C 29 -18.88 -43.42 -8.62
N GLN C 30 -18.35 -42.70 -7.62
CA GLN C 30 -17.51 -41.54 -7.88
C GLN C 30 -16.21 -41.93 -8.58
N VAL C 31 -15.71 -41.00 -9.40
CA VAL C 31 -14.42 -41.13 -10.06
C VAL C 31 -13.54 -39.95 -9.69
N PHE C 32 -12.37 -40.22 -9.10
CA PHE C 32 -11.43 -39.16 -8.68
C PHE C 32 -10.12 -39.19 -9.45
N GLN C 33 -9.51 -38.02 -9.58
CA GLN C 33 -8.15 -37.86 -10.11
C GLN C 33 -7.19 -37.66 -8.97
N VAL C 34 -6.11 -38.44 -8.97
CA VAL C 34 -5.06 -38.32 -8.00
C VAL C 34 -3.74 -38.28 -8.75
N ALA C 35 -2.83 -37.43 -8.26
CA ALA C 35 -1.57 -37.17 -8.94
C ALA C 35 -0.52 -38.25 -8.64
N VAL C 36 0.30 -38.51 -9.64
CA VAL C 36 1.51 -39.32 -9.50
C VAL C 36 2.29 -38.82 -8.29
N GLY C 37 2.73 -39.74 -7.42
CA GLY C 37 3.47 -39.42 -6.22
C GLY C 37 2.71 -38.98 -4.98
N SER C 38 1.41 -38.77 -5.09
CA SER C 38 0.61 -38.37 -3.94
C SER C 38 0.50 -39.50 -2.92
N ASN C 39 0.26 -39.06 -1.67
CA ASN C 39 0.10 -39.89 -0.49
C ASN C 39 -1.38 -40.11 -0.43
N PHE C 40 -1.80 -41.33 -0.73
CA PHE C 40 -3.19 -41.69 -0.81
C PHE C 40 -3.53 -42.64 0.35
N ASN C 41 -4.56 -42.24 1.09
CA ASN C 41 -5.27 -43.03 2.06
C ASN C 41 -6.73 -42.99 1.61
N PRO C 42 -7.42 -44.14 1.58
CA PRO C 42 -8.78 -44.20 1.02
C PRO C 42 -9.86 -43.44 1.80
N LEU C 43 -9.58 -43.07 3.05
CA LEU C 43 -10.50 -42.26 3.85
C LEU C 43 -10.13 -40.79 3.92
N ASN C 44 -8.95 -40.43 3.39
CA ASN C 44 -8.45 -39.08 3.43
C ASN C 44 -7.30 -38.87 2.45
N PHE C 45 -7.57 -38.18 1.34
CA PHE C 45 -6.61 -37.99 0.28
C PHE C 45 -6.87 -36.72 -0.42
N THR C 46 -5.92 -36.37 -1.29
CA THR C 46 -5.94 -35.08 -1.95
C THR C 46 -6.02 -35.38 -3.41
N ASN C 47 -6.97 -34.73 -4.09
CA ASN C 47 -7.08 -34.94 -5.53
C ASN C 47 -6.00 -34.17 -6.32
N SER C 48 -5.99 -34.39 -7.64
CA SER C 48 -5.08 -33.76 -8.59
C SER C 48 -5.08 -32.24 -8.52
N ASN C 49 -6.22 -31.67 -8.14
CA ASN C 49 -6.31 -30.22 -8.03
C ASN C 49 -6.03 -29.67 -6.65
N GLY C 50 -5.67 -30.55 -5.72
CA GLY C 50 -5.39 -30.15 -4.37
C GLY C 50 -6.55 -30.03 -3.40
N GLU C 51 -7.74 -30.55 -3.76
CA GLU C 51 -8.89 -30.56 -2.84
C GLU C 51 -8.85 -31.81 -1.95
N ASN C 52 -8.99 -31.60 -0.64
CA ASN C 52 -8.98 -32.67 0.34
C ASN C 52 -10.34 -33.40 0.34
N ILE C 53 -10.29 -34.72 0.21
CA ILE C 53 -11.45 -35.57 0.21
C ILE C 53 -11.39 -36.49 1.42
N ILE C 54 -12.46 -36.47 2.22
CA ILE C 54 -12.54 -37.19 3.48
C ILE C 54 -13.79 -38.02 3.50
N VAL C 55 -13.64 -39.30 3.82
CA VAL C 55 -14.73 -40.25 3.86
C VAL C 55 -14.96 -40.64 5.31
N SER C 56 -16.23 -40.78 5.68
CA SER C 56 -16.63 -41.13 7.03
C SER C 56 -18.01 -41.79 6.97
N ALA C 57 -18.55 -42.16 8.13
CA ALA C 57 -19.78 -42.88 8.13
C ALA C 57 -20.53 -42.66 9.41
N GLN C 58 -21.84 -42.90 9.33
CA GLN C 58 -22.70 -42.77 10.47
C GLN C 58 -23.59 -44.01 10.54
N GLN C 59 -24.15 -44.27 11.72
CA GLN C 59 -24.92 -45.47 11.98
C GLN C 59 -26.05 -45.76 11.00
N SER C 60 -26.70 -44.71 10.50
CA SER C 60 -27.81 -44.84 9.57
C SER C 60 -28.20 -43.52 8.96
N LYS C 61 -29.12 -43.57 8.01
CA LYS C 61 -29.61 -42.36 7.36
C LYS C 61 -30.19 -41.39 8.38
N ASN C 62 -30.78 -41.92 9.45
CA ASN C 62 -31.42 -41.15 10.50
C ASN C 62 -30.70 -41.06 11.83
N ASN C 63 -29.47 -41.58 11.91
CA ASN C 63 -28.65 -41.49 13.09
C ASN C 63 -27.24 -41.04 12.74
N THR C 64 -26.86 -39.82 13.15
CA THR C 64 -25.55 -39.26 12.81
C THR C 64 -24.38 -39.74 13.67
N THR C 65 -24.67 -40.54 14.70
CA THR C 65 -23.65 -41.14 15.55
C THR C 65 -22.60 -41.81 14.65
N PHE C 66 -21.34 -41.69 15.07
CA PHE C 66 -20.21 -42.22 14.33
C PHE C 66 -20.41 -43.71 14.09
N ALA C 67 -20.09 -44.13 12.86
CA ALA C 67 -19.95 -45.54 12.54
C ALA C 67 -18.53 -45.82 11.98
N SER C 68 -18.01 -47.01 12.31
CA SER C 68 -16.72 -47.50 11.83
C SER C 68 -16.74 -47.75 10.32
N ILE C 69 -15.67 -47.30 9.66
CA ILE C 69 -15.51 -47.48 8.24
C ILE C 69 -14.05 -47.76 7.92
N GLU C 70 -13.82 -48.69 7.00
CA GLU C 70 -12.46 -49.04 6.60
C GLU C 70 -12.48 -49.54 5.16
N ALA C 71 -11.30 -49.53 4.53
CA ALA C 71 -11.13 -49.97 3.16
C ALA C 71 -10.96 -51.47 3.25
N THR C 72 -11.85 -52.22 2.60
CA THR C 72 -11.69 -53.65 2.52
C THR C 72 -10.90 -54.01 1.27
N SER C 73 -10.77 -53.07 0.35
CA SER C 73 -9.92 -53.25 -0.82
C SER C 73 -9.33 -51.93 -1.27
N ASN C 74 -8.02 -51.78 -1.06
CA ASN C 74 -7.26 -50.58 -1.47
C ASN C 74 -5.95 -50.95 -2.17
N PRO C 75 -6.00 -51.27 -3.48
CA PRO C 75 -4.78 -51.55 -4.24
C PRO C 75 -4.05 -50.31 -4.80
N VAL C 76 -4.43 -49.11 -4.35
CA VAL C 76 -4.03 -47.89 -5.03
C VAL C 76 -2.52 -47.70 -4.96
N ASN C 77 -1.94 -47.34 -6.11
CA ASN C 77 -0.51 -47.13 -6.31
C ASN C 77 -0.37 -45.89 -7.17
N THR C 78 0.35 -44.90 -6.64
CA THR C 78 0.42 -43.59 -7.29
C THR C 78 1.73 -43.35 -8.05
N SER C 79 2.46 -44.41 -8.38
CA SER C 79 3.80 -44.22 -8.95
C SER C 79 3.77 -43.93 -10.43
N GLU C 80 2.68 -44.28 -11.11
CA GLU C 80 2.60 -44.31 -12.57
C GLU C 80 1.26 -43.81 -13.08
N ALA C 81 1.31 -42.78 -13.91
CA ALA C 81 0.14 -42.18 -14.54
C ALA C 81 -0.45 -43.10 -15.57
N GLY C 82 -1.76 -42.96 -15.80
CA GLY C 82 -2.46 -43.70 -16.82
C GLY C 82 -2.95 -45.05 -16.31
N ARG C 83 -2.89 -45.23 -14.99
CA ARG C 83 -3.45 -46.42 -14.29
C ARG C 83 -4.63 -45.98 -13.46
N TYR C 84 -5.64 -46.83 -13.30
CA TYR C 84 -6.77 -46.63 -12.38
C TYR C 84 -6.89 -47.81 -11.41
N TYR C 85 -7.51 -47.53 -10.27
CA TYR C 85 -7.75 -48.50 -9.17
C TYR C 85 -9.15 -48.24 -8.60
N ASN C 86 -9.86 -49.32 -8.31
CA ASN C 86 -11.09 -49.25 -7.54
C ASN C 86 -10.80 -49.46 -6.08
N VAL C 87 -11.52 -48.70 -5.25
CA VAL C 87 -11.39 -48.75 -3.81
C VAL C 87 -12.76 -49.07 -3.26
N THR C 88 -12.80 -50.06 -2.37
CA THR C 88 -14.02 -50.50 -1.74
C THR C 88 -13.94 -50.24 -0.26
N LEU C 89 -14.93 -49.50 0.25
CA LEU C 89 -15.07 -49.17 1.66
C LEU C 89 -16.25 -49.94 2.19
N THR C 90 -16.15 -50.36 3.45
CA THR C 90 -17.23 -51.01 4.15
C THR C 90 -17.39 -50.29 5.47
N ALA C 91 -18.63 -49.84 5.72
CA ALA C 91 -19.03 -49.30 7.01
C ALA C 91 -19.88 -50.32 7.75
N THR C 92 -19.68 -50.38 9.07
CA THR C 92 -20.37 -51.30 9.98
C THR C 92 -20.98 -50.54 11.16
N GLY C 93 -22.28 -50.72 11.39
CA GLY C 93 -22.98 -50.11 12.49
C GLY C 93 -22.90 -50.93 13.77
N ASN C 94 -23.44 -50.40 14.87
CA ASN C 94 -23.39 -51.08 16.18
C ASN C 94 -24.16 -52.40 16.26
N THR C 95 -25.18 -52.58 15.40
CA THR C 95 -25.93 -53.82 15.32
C THR C 95 -25.30 -54.75 14.27
N GLY C 96 -24.23 -54.28 13.62
CA GLY C 96 -23.43 -55.07 12.71
C GLY C 96 -23.91 -55.07 11.29
N LYS C 97 -24.83 -54.16 10.95
CA LYS C 97 -25.24 -53.97 9.58
C LYS C 97 -24.15 -53.24 8.75
N LYS C 98 -24.08 -53.57 7.47
CA LYS C 98 -23.01 -53.12 6.61
C LYS C 98 -23.50 -52.33 5.40
N THR C 99 -22.67 -51.37 4.98
CA THR C 99 -22.85 -50.66 3.72
C THR C 99 -21.45 -50.53 3.13
N THR C 100 -21.37 -50.76 1.82
CA THR C 100 -20.17 -50.64 1.08
C THR C 100 -20.36 -49.61 -0.02
N ALA C 101 -19.25 -48.93 -0.34
CA ALA C 101 -19.19 -47.99 -1.46
C ALA C 101 -17.88 -48.25 -2.19
N THR C 102 -17.93 -48.13 -3.51
CA THR C 102 -16.80 -48.35 -4.38
C THR C 102 -16.63 -47.14 -5.23
N TYR C 103 -15.41 -46.60 -5.24
CA TYR C 103 -15.04 -45.44 -6.07
C TYR C 103 -13.78 -45.78 -6.84
N THR C 104 -13.55 -45.03 -7.91
CA THR C 104 -12.44 -45.25 -8.81
C THR C 104 -11.49 -44.08 -8.72
N VAL C 105 -10.19 -44.39 -8.67
CA VAL C 105 -9.13 -43.41 -8.63
C VAL C 105 -8.31 -43.53 -9.91
N LEU C 106 -8.19 -42.42 -10.65
CA LEU C 106 -7.35 -42.34 -11.83
C LEU C 106 -6.05 -41.61 -11.47
N ILE C 107 -4.90 -42.24 -11.77
CA ILE C 107 -3.64 -41.61 -11.53
C ILE C 107 -3.30 -40.69 -12.72
N THR C 108 -3.16 -39.39 -12.44
CA THR C 108 -2.77 -38.39 -13.41
C THR C 108 -1.35 -37.91 -13.20
N SER C 109 -0.81 -37.20 -14.20
CA SER C 109 0.54 -36.66 -14.14
C SER C 109 0.94 -35.70 -13.01
N SER C 110 0.12 -34.68 -12.77
CA SER C 110 0.52 -33.51 -12.03
C SER C 110 -0.34 -33.22 -10.83
N GLN C 111 0.31 -32.75 -9.76
CA GLN C 111 -0.33 -32.22 -8.58
C GLN C 111 -0.42 -30.71 -8.76
N LYS C 112 -1.64 -30.17 -8.78
CA LYS C 112 -1.86 -28.75 -8.53
C LYS C 112 -2.33 -28.58 -7.09
N GLN C 113 -2.33 -27.33 -6.62
CA GLN C 113 -2.84 -26.96 -5.32
C GLN C 113 -3.92 -25.98 -5.55
N THR C 114 -4.90 -25.98 -4.64
CA THR C 114 -5.98 -25.03 -4.66
C THR C 114 -5.61 -23.98 -3.62
N LEU C 115 -5.72 -22.71 -4.02
CA LEU C 115 -5.37 -21.57 -3.14
C LEU C 115 -6.61 -21.10 -2.41
N TYR C 116 -6.52 -21.08 -1.07
CA TYR C 116 -7.62 -20.66 -0.18
C TYR C 116 -7.25 -19.31 0.43
N GLY C 117 -8.09 -18.29 0.19
CA GLY C 117 -7.93 -16.99 0.82
C GLY C 117 -8.30 -17.01 2.31
N ASN C 118 -8.88 -18.14 2.77
CA ASN C 118 -9.42 -18.36 4.11
C ASN C 118 -10.03 -17.13 4.76
N GLY C 119 -11.12 -16.66 4.14
CA GLY C 119 -11.74 -15.39 4.41
C GLY C 119 -11.81 -14.57 3.13
N GLU C 120 -10.68 -14.00 2.72
CA GLU C 120 -10.60 -13.06 1.61
C GLU C 120 -10.84 -13.72 0.27
N SER C 121 -11.49 -12.95 -0.61
CA SER C 121 -11.70 -13.33 -1.99
C SER C 121 -10.34 -13.34 -2.72
N THR C 122 -9.49 -12.34 -2.40
CA THR C 122 -8.20 -12.11 -3.07
C THR C 122 -6.98 -12.64 -2.30
N ILE C 123 -6.03 -13.19 -3.07
CA ILE C 123 -4.77 -13.71 -2.58
C ILE C 123 -3.59 -12.90 -3.16
N SER C 124 -2.81 -12.30 -2.27
CA SER C 124 -1.67 -11.45 -2.68
C SER C 124 -0.55 -12.32 -3.21
N THR C 125 0.20 -11.80 -4.19
CA THR C 125 1.45 -12.40 -4.63
C THR C 125 2.61 -11.47 -4.44
N TYR C 126 3.81 -12.05 -4.45
CA TYR C 126 5.09 -11.34 -4.22
C TYR C 126 6.14 -11.76 -5.24
N SER C 127 7.14 -10.88 -5.43
CA SER C 127 8.34 -11.24 -6.15
C SER C 127 9.50 -11.09 -5.21
N ILE C 128 10.45 -12.02 -5.34
CA ILE C 128 11.63 -11.99 -4.49
C ILE C 128 12.87 -11.73 -5.32
N TYR C 129 13.63 -10.72 -4.92
CA TYR C 129 14.86 -10.25 -5.58
C TYR C 129 15.97 -10.14 -4.54
N GLY C 130 16.93 -11.08 -4.59
CA GLY C 130 17.82 -11.34 -3.48
C GLY C 130 16.95 -11.78 -2.32
N ASN C 131 17.01 -11.02 -1.23
CA ASN C 131 16.26 -11.31 -0.01
C ASN C 131 15.19 -10.27 0.26
N ASN C 132 14.84 -9.51 -0.79
CA ASN C 132 13.81 -8.50 -0.72
C ASN C 132 12.54 -9.04 -1.34
N VAL C 133 11.43 -8.89 -0.61
CA VAL C 133 10.14 -9.38 -1.03
C VAL C 133 9.29 -8.19 -1.38
N LEU C 134 8.82 -8.14 -2.63
CA LEU C 134 8.09 -7.00 -3.16
C LEU C 134 6.70 -7.42 -3.54
N CYS C 135 5.71 -6.59 -3.22
CA CYS C 135 4.34 -6.86 -3.60
C CYS C 135 4.20 -6.87 -5.13
N ASN C 136 3.67 -7.97 -5.66
CA ASN C 136 3.47 -8.11 -7.08
C ASN C 136 2.06 -7.64 -7.38
N SER C 137 1.78 -7.36 -8.65
CA SER C 137 0.48 -6.90 -9.06
C SER C 137 -0.47 -8.06 -9.32
N THR C 138 0.08 -9.25 -9.67
CA THR C 138 -0.72 -10.42 -9.90
C THR C 138 -1.48 -10.76 -8.61
N THR C 139 -2.74 -11.16 -8.74
CA THR C 139 -3.49 -11.70 -7.60
C THR C 139 -4.17 -12.97 -8.05
N PHE C 140 -4.49 -13.81 -7.06
CA PHE C 140 -5.30 -14.98 -7.31
C PHE C 140 -6.60 -14.84 -6.54
N LYS C 141 -7.63 -15.52 -7.06
CA LYS C 141 -8.94 -15.64 -6.42
C LYS C 141 -8.92 -16.92 -5.61
N ASP C 142 -9.56 -16.89 -4.44
CA ASP C 142 -9.90 -18.09 -3.69
C ASP C 142 -10.41 -19.17 -4.66
N GLY C 143 -9.93 -20.41 -4.47
CA GLY C 143 -10.23 -21.52 -5.35
C GLY C 143 -9.44 -21.66 -6.65
N ASP C 144 -8.53 -20.73 -6.92
CA ASP C 144 -7.67 -20.85 -8.11
C ASP C 144 -6.73 -22.05 -7.92
N GLN C 145 -6.42 -22.70 -9.04
CA GLN C 145 -5.58 -23.87 -9.07
C GLN C 145 -4.24 -23.56 -9.73
N VAL C 146 -3.15 -23.86 -9.02
CA VAL C 146 -1.81 -23.59 -9.48
C VAL C 146 -0.84 -24.75 -9.18
N TYR C 147 0.22 -24.80 -9.99
CA TYR C 147 1.43 -25.61 -9.72
C TYR C 147 2.29 -24.87 -8.71
N VAL C 148 2.88 -25.62 -7.78
CA VAL C 148 3.71 -25.08 -6.75
C VAL C 148 5.05 -25.77 -6.79
N SER C 149 6.13 -24.99 -6.73
CA SER C 149 7.46 -25.54 -6.67
C SER C 149 7.62 -26.24 -5.33
N ASP C 150 8.42 -27.30 -5.31
CA ASP C 150 8.69 -28.11 -4.10
C ASP C 150 9.56 -27.39 -3.05
N GLN C 151 10.34 -26.39 -3.48
CA GLN C 151 11.20 -25.63 -2.57
C GLN C 151 10.54 -24.32 -2.18
N THR C 152 10.28 -24.18 -0.88
CA THR C 152 9.83 -22.92 -0.29
C THR C 152 11.03 -22.05 0.02
N LYS C 153 10.78 -20.78 0.32
CA LYS C 153 11.81 -19.82 0.69
C LYS C 153 11.30 -18.99 1.85
N THR C 154 12.13 -18.81 2.87
CA THR C 154 11.76 -18.10 4.07
C THR C 154 12.57 -16.80 4.18
N VAL C 155 11.86 -15.68 4.42
CA VAL C 155 12.48 -14.37 4.45
C VAL C 155 11.77 -13.59 5.49
N GLY C 156 12.54 -13.03 6.44
CA GLY C 156 12.01 -12.34 7.60
C GLY C 156 11.08 -13.22 8.40
N GLY C 157 11.44 -14.51 8.51
CA GLY C 157 10.68 -15.51 9.26
C GLY C 157 9.35 -15.95 8.64
N VAL C 158 9.06 -15.49 7.42
CA VAL C 158 7.82 -15.85 6.72
C VAL C 158 8.19 -16.78 5.58
N SER C 159 7.42 -17.88 5.44
CA SER C 159 7.60 -18.83 4.35
C SER C 159 6.76 -18.44 3.14
N TYR C 160 7.37 -18.56 1.95
CA TYR C 160 6.73 -18.26 0.63
C TYR C 160 6.89 -19.45 -0.30
N SER C 161 5.87 -19.71 -1.11
CA SER C 161 5.86 -20.77 -2.11
C SER C 161 5.73 -20.16 -3.51
N GLN C 162 6.51 -20.72 -4.45
CA GLN C 162 6.62 -20.19 -5.80
C GLN C 162 5.65 -20.96 -6.67
N VAL C 163 4.82 -20.22 -7.41
CA VAL C 163 3.66 -20.83 -8.07
C VAL C 163 3.55 -20.41 -9.53
N SER C 164 2.70 -21.13 -10.29
CA SER C 164 2.46 -20.81 -11.68
C SER C 164 1.18 -21.52 -12.11
N PRO C 165 0.29 -20.83 -12.85
CA PRO C 165 -0.89 -21.49 -13.40
C PRO C 165 -0.56 -22.35 -14.64
N LYS C 166 0.64 -22.23 -15.21
CA LYS C 166 1.00 -22.93 -16.43
C LYS C 166 1.53 -24.35 -16.23
N SER C 167 2.59 -24.49 -15.46
CA SER C 167 3.23 -25.81 -15.26
C SER C 167 4.11 -25.82 -14.03
N LYS C 168 4.43 -27.04 -13.59
CA LYS C 168 5.30 -27.22 -12.43
C LYS C 168 6.65 -26.60 -12.73
N ASN C 169 7.13 -26.79 -13.95
CA ASN C 169 8.45 -26.34 -14.28
C ASN C 169 8.52 -24.80 -14.25
N ASP C 170 7.49 -24.14 -14.79
CA ASP C 170 7.39 -22.70 -14.72
C ASP C 170 7.36 -22.18 -13.27
N ALA C 171 6.73 -22.93 -12.36
CA ALA C 171 6.67 -22.52 -10.96
C ALA C 171 8.04 -22.46 -10.28
N ASN C 172 9.02 -23.19 -10.81
CA ASN C 172 10.37 -23.17 -10.25
C ASN C 172 11.17 -21.87 -10.47
N SER C 173 10.73 -21.04 -11.43
CA SER C 173 11.41 -19.77 -11.74
C SER C 173 10.44 -18.61 -12.12
N SER C 174 9.16 -18.73 -11.75
CA SER C 174 8.12 -17.76 -12.12
C SER C 174 8.32 -16.39 -11.47
N ASN C 175 8.97 -16.40 -10.30
CA ASN C 175 9.05 -15.30 -9.40
C ASN C 175 7.69 -14.69 -9.02
N ILE C 176 6.66 -15.56 -8.97
CA ILE C 176 5.36 -15.24 -8.40
C ILE C 176 5.21 -16.11 -7.16
N TRP C 177 5.18 -15.48 -5.98
CA TRP C 177 5.19 -16.20 -4.74
C TRP C 177 3.94 -15.83 -3.93
N VAL C 178 3.44 -16.79 -3.15
CA VAL C 178 2.36 -16.57 -2.16
C VAL C 178 2.88 -17.00 -0.82
N LYS C 179 2.28 -16.50 0.26
CA LYS C 179 2.64 -16.93 1.60
C LYS C 179 2.22 -18.38 1.78
N THR C 180 3.14 -19.22 2.26
CA THR C 180 2.88 -20.66 2.38
C THR C 180 1.80 -20.87 3.44
N SER C 181 0.81 -21.73 3.16
CA SER C 181 -0.09 -22.25 4.21
C SER C 181 0.43 -23.56 4.77
N THR D 8 -4.56 -50.95 29.71
CA THR D 8 -4.86 -49.47 29.61
C THR D 8 -4.42 -48.77 28.32
N THR D 9 -3.28 -49.19 27.77
CA THR D 9 -2.76 -48.69 26.48
C THR D 9 -3.71 -48.97 25.29
N GLN D 10 -4.48 -50.08 25.35
CA GLN D 10 -5.49 -50.43 24.38
C GLN D 10 -6.83 -49.68 24.52
N ASN D 11 -6.94 -48.80 25.51
CA ASN D 11 -8.10 -47.95 25.62
C ASN D 11 -8.05 -46.76 24.69
N PRO D 12 -9.22 -46.18 24.34
CA PRO D 12 -9.27 -44.99 23.50
C PRO D 12 -8.48 -43.86 24.15
N GLN D 13 -7.94 -42.99 23.31
CA GLN D 13 -7.26 -41.80 23.73
C GLN D 13 -8.06 -40.60 23.28
N ILE D 14 -8.32 -39.72 24.25
CA ILE D 14 -8.97 -38.44 24.01
C ILE D 14 -7.93 -37.35 23.74
N ASN D 15 -8.07 -36.73 22.57
CA ASN D 15 -7.22 -35.63 22.08
C ASN D 15 -7.98 -34.32 22.08
N TRP D 16 -7.23 -33.20 22.12
CA TRP D 16 -7.79 -31.90 21.94
C TRP D 16 -6.85 -30.93 21.26
N THR D 17 -7.45 -29.96 20.56
CA THR D 17 -6.72 -28.85 19.96
C THR D 17 -7.28 -27.55 20.49
N LYS D 18 -6.38 -26.59 20.65
CA LYS D 18 -6.69 -25.23 21.05
C LYS D 18 -6.08 -24.33 19.98
N GLY D 19 -6.93 -23.52 19.37
CA GLY D 19 -6.57 -22.70 18.23
C GLY D 19 -5.88 -23.43 17.11
N GLY D 20 -6.27 -24.68 16.83
CA GLY D 20 -5.62 -25.49 15.83
C GLY D 20 -4.41 -26.30 16.25
N GLN D 21 -3.81 -25.99 17.41
CA GLN D 21 -2.62 -26.71 17.89
C GLN D 21 -3.01 -27.88 18.80
N ALA D 22 -2.61 -29.09 18.40
CA ALA D 22 -2.69 -30.29 19.26
C ALA D 22 -2.07 -29.97 20.62
N GLN D 23 -2.76 -30.36 21.69
CA GLN D 23 -2.31 -30.16 23.06
C GLN D 23 -1.72 -31.44 23.64
N SER D 24 -0.63 -31.33 24.39
CA SER D 24 0.04 -32.52 24.92
C SER D 24 -0.40 -32.93 26.35
N SER D 25 -1.13 -32.04 27.01
CA SER D 25 -1.63 -32.25 28.36
C SER D 25 -2.93 -32.95 28.17
N SER D 26 -3.30 -33.81 29.13
CA SER D 26 -4.58 -34.52 29.00
C SER D 26 -5.74 -33.53 29.17
N LEU D 27 -6.81 -33.79 28.41
CA LEU D 27 -8.06 -33.06 28.53
C LEU D 27 -8.62 -33.18 29.93
N ASN D 28 -8.39 -34.35 30.54
CA ASN D 28 -8.89 -34.65 31.87
C ASN D 28 -8.24 -33.72 32.87
N GLY D 29 -9.06 -33.01 33.66
CA GLY D 29 -8.57 -32.05 34.63
C GLY D 29 -8.32 -30.65 34.11
N GLN D 30 -8.56 -30.41 32.83
CA GLN D 30 -8.48 -29.04 32.30
C GLN D 30 -9.57 -28.14 32.85
N VAL D 31 -9.23 -26.86 32.97
CA VAL D 31 -10.18 -25.81 33.38
C VAL D 31 -10.25 -24.75 32.29
N PHE D 32 -11.43 -24.52 31.73
CA PHE D 32 -11.63 -23.53 30.65
C PHE D 32 -12.53 -22.38 31.07
N GLN D 33 -12.30 -21.21 30.48
CA GLN D 33 -13.19 -20.05 30.58
C GLN D 33 -14.03 -19.94 29.34
N VAL D 34 -15.34 -19.81 29.52
CA VAL D 34 -16.23 -19.54 28.44
C VAL D 34 -17.10 -18.35 28.82
N ALA D 35 -17.38 -17.52 27.81
CA ALA D 35 -18.07 -16.28 27.98
C ALA D 35 -19.58 -16.45 28.07
N VAL D 36 -20.19 -15.61 28.92
CA VAL D 36 -21.61 -15.48 28.99
C VAL D 36 -22.18 -15.36 27.58
N GLY D 37 -23.24 -16.11 27.27
CA GLY D 37 -23.88 -16.08 25.98
C GLY D 37 -23.30 -16.93 24.85
N SER D 38 -22.10 -17.50 25.05
CA SER D 38 -21.49 -18.29 24.01
C SER D 38 -22.26 -19.58 23.73
N ASN D 39 -22.03 -20.06 22.50
CA ASN D 39 -22.53 -21.30 22.00
C ASN D 39 -21.54 -22.37 22.40
N PHE D 40 -21.94 -23.21 23.35
CA PHE D 40 -21.08 -24.22 23.90
C PHE D 40 -21.59 -25.60 23.47
N ASN D 41 -20.71 -26.35 22.82
CA ASN D 41 -20.82 -27.75 22.53
C ASN D 41 -19.57 -28.40 23.15
N PRO D 42 -19.72 -29.51 23.89
CA PRO D 42 -18.60 -30.08 24.65
C PRO D 42 -17.47 -30.67 23.79
N LEU D 43 -17.70 -30.90 22.49
CA LEU D 43 -16.65 -31.34 21.59
C LEU D 43 -16.06 -30.22 20.72
N ASN D 44 -16.66 -29.04 20.80
CA ASN D 44 -16.29 -27.94 19.93
C ASN D 44 -16.87 -26.60 20.41
N PHE D 45 -16.04 -25.78 21.03
CA PHE D 45 -16.47 -24.54 21.64
C PHE D 45 -15.36 -23.56 21.62
N THR D 46 -15.70 -22.33 22.00
CA THR D 46 -14.80 -21.22 21.88
C THR D 46 -14.67 -20.68 23.28
N ASN D 47 -13.41 -20.51 23.71
CA ASN D 47 -13.18 -19.95 25.02
C ASN D 47 -13.41 -18.42 25.07
N SER D 48 -13.28 -17.87 26.28
CA SER D 48 -13.45 -16.44 26.57
C SER D 48 -12.55 -15.53 25.75
N ASN D 49 -11.38 -16.05 25.37
CA ASN D 49 -10.47 -15.29 24.54
C ASN D 49 -10.60 -15.49 23.05
N GLY D 50 -11.60 -16.28 22.66
CA GLY D 50 -11.85 -16.57 21.27
C GLY D 50 -11.11 -17.72 20.62
N GLU D 51 -10.43 -18.56 21.39
CA GLU D 51 -9.72 -19.73 20.83
C GLU D 51 -10.66 -20.94 20.72
N ASN D 52 -10.66 -21.56 19.54
CA ASN D 52 -11.48 -22.72 19.27
C ASN D 52 -10.84 -23.97 19.89
N ILE D 53 -11.65 -24.69 20.68
CA ILE D 53 -11.24 -25.90 21.35
C ILE D 53 -12.06 -27.05 20.79
N ILE D 54 -11.35 -28.07 20.29
CA ILE D 54 -11.96 -29.20 19.60
C ILE D 54 -11.47 -30.47 20.23
N VAL D 55 -12.42 -31.33 20.59
CA VAL D 55 -12.16 -32.59 21.24
C VAL D 55 -12.49 -33.71 20.26
N SER D 56 -11.65 -34.75 20.27
CA SER D 56 -11.80 -35.91 19.42
C SER D 56 -11.16 -37.13 20.10
N ALA D 57 -11.25 -38.28 19.44
CA ALA D 57 -10.71 -39.48 20.03
C ALA D 57 -10.23 -40.42 18.98
N GLN D 58 -9.31 -41.30 19.41
CA GLN D 58 -8.77 -42.34 18.54
C GLN D 58 -8.81 -43.65 19.29
N GLN D 59 -8.76 -44.75 18.53
CA GLN D 59 -8.91 -46.10 19.08
C GLN D 59 -7.98 -46.46 20.25
N SER D 60 -6.76 -45.92 20.23
CA SER D 60 -5.77 -46.15 21.27
C SER D 60 -4.63 -45.17 21.20
N LYS D 61 -3.77 -45.24 22.23
CA LYS D 61 -2.57 -44.45 22.33
C LYS D 61 -1.75 -44.51 21.06
N ASN D 62 -1.70 -45.69 20.42
CA ASN D 62 -0.85 -45.90 19.22
C ASN D 62 -1.58 -46.05 17.91
N ASN D 63 -2.92 -46.06 17.96
CA ASN D 63 -3.75 -46.26 16.78
C ASN D 63 -4.63 -45.03 16.57
N THR D 64 -4.31 -44.29 15.52
CA THR D 64 -4.92 -43.01 15.23
C THR D 64 -6.28 -43.09 14.54
N THR D 65 -6.69 -44.32 14.14
CA THR D 65 -8.01 -44.55 13.59
C THR D 65 -9.06 -43.86 14.50
N PHE D 66 -10.07 -43.24 13.86
CA PHE D 66 -11.03 -42.45 14.63
C PHE D 66 -11.80 -43.36 15.57
N ALA D 67 -12.08 -42.82 16.76
CA ALA D 67 -12.96 -43.46 17.72
C ALA D 67 -14.12 -42.54 18.09
N SER D 68 -15.28 -43.16 18.37
CA SER D 68 -16.49 -42.48 18.84
C SER D 68 -16.28 -41.86 20.21
N ILE D 69 -16.77 -40.63 20.35
CA ILE D 69 -16.72 -39.91 21.61
C ILE D 69 -17.97 -39.06 21.75
N GLU D 70 -18.51 -39.05 22.96
CA GLU D 70 -19.72 -38.27 23.24
C GLU D 70 -19.70 -37.80 24.68
N ALA D 71 -20.48 -36.76 24.95
CA ALA D 71 -20.60 -36.18 26.27
C ALA D 71 -21.63 -37.03 26.96
N THR D 72 -21.25 -37.66 28.07
CA THR D 72 -22.19 -38.42 28.87
C THR D 72 -22.78 -37.53 29.93
N SER D 73 -22.14 -36.39 30.19
CA SER D 73 -22.69 -35.40 31.10
C SER D 73 -22.28 -34.00 30.67
N ASN D 74 -23.26 -33.23 30.16
CA ASN D 74 -23.06 -31.84 29.73
C ASN D 74 -24.17 -30.92 30.26
N PRO D 75 -24.08 -30.49 31.53
CA PRO D 75 -25.05 -29.52 32.07
C PRO D 75 -24.74 -28.04 31.75
N VAL D 76 -23.82 -27.75 30.83
CA VAL D 76 -23.26 -26.42 30.71
C VAL D 76 -24.31 -25.43 30.25
N ASN D 77 -24.35 -24.27 30.92
CA ASN D 77 -25.30 -23.18 30.69
C ASN D 77 -24.51 -21.89 30.78
N THR D 78 -24.55 -21.10 29.71
CA THR D 78 -23.71 -19.92 29.58
C THR D 78 -24.46 -18.61 29.85
N SER D 79 -25.62 -18.67 30.50
CA SER D 79 -26.45 -17.47 30.62
C SER D 79 -25.99 -16.53 31.73
N GLU D 80 -25.23 -17.06 32.71
CA GLU D 80 -24.92 -16.35 33.95
C GLU D 80 -23.46 -16.60 34.36
N ALA D 81 -22.73 -15.49 34.55
CA ALA D 81 -21.34 -15.53 34.99
C ALA D 81 -21.23 -15.95 36.43
N GLY D 82 -20.08 -16.51 36.80
CA GLY D 82 -19.78 -16.87 38.17
C GLY D 82 -20.26 -18.25 38.54
N ARG D 83 -20.70 -19.01 37.54
CA ARG D 83 -21.09 -20.43 37.66
C ARG D 83 -20.05 -21.27 36.94
N TYR D 84 -19.80 -22.49 37.43
CA TYR D 84 -18.98 -23.49 36.73
C TYR D 84 -19.79 -24.79 36.53
N TYR D 85 -19.35 -25.56 35.54
CA TYR D 85 -19.95 -26.87 35.18
C TYR D 85 -18.82 -27.84 34.85
N ASN D 86 -18.98 -29.08 35.29
CA ASN D 86 -18.14 -30.16 34.83
C ASN D 86 -18.76 -30.86 33.64
N VAL D 87 -17.89 -31.24 32.69
CA VAL D 87 -18.28 -31.94 31.50
C VAL D 87 -17.52 -33.24 31.49
N THR D 88 -18.25 -34.34 31.27
CA THR D 88 -17.67 -35.65 31.19
C THR D 88 -17.87 -36.20 29.79
N LEU D 89 -16.74 -36.58 29.17
CA LEU D 89 -16.71 -37.21 27.87
C LEU D 89 -16.33 -38.66 28.04
N THR D 90 -16.92 -39.52 27.20
CA THR D 90 -16.59 -40.92 27.17
C THR D 90 -16.29 -41.27 25.73
N ALA D 91 -15.10 -41.85 25.52
CA ALA D 91 -14.74 -42.43 24.23
C ALA D 91 -14.82 -43.94 24.30
N THR D 92 -15.27 -44.54 23.19
CA THR D 92 -15.46 -45.99 23.02
C THR D 92 -14.76 -46.47 21.75
N GLY D 93 -13.88 -47.48 21.90
CA GLY D 93 -13.20 -48.10 20.77
C GLY D 93 -14.04 -49.18 20.13
N ASN D 94 -13.64 -49.66 18.95
CA ASN D 94 -14.41 -50.66 18.25
C ASN D 94 -14.49 -52.06 18.94
N THR D 95 -13.60 -52.35 19.91
CA THR D 95 -13.78 -53.57 20.74
C THR D 95 -14.55 -53.24 22.00
N GLY D 96 -14.95 -51.98 22.15
CA GLY D 96 -15.84 -51.55 23.22
C GLY D 96 -15.15 -51.13 24.50
N LYS D 97 -13.83 -50.97 24.45
CA LYS D 97 -13.09 -50.38 25.57
C LYS D 97 -13.36 -48.85 25.71
N LYS D 98 -13.35 -48.37 26.95
CA LYS D 98 -13.77 -47.00 27.24
C LYS D 98 -12.69 -46.16 27.93
N THR D 99 -12.72 -44.86 27.66
CA THR D 99 -11.91 -43.86 28.37
C THR D 99 -12.79 -42.66 28.57
N THR D 100 -12.71 -42.08 29.77
CA THR D 100 -13.45 -40.89 30.10
C THR D 100 -12.49 -39.79 30.51
N ALA D 101 -12.92 -38.55 30.26
CA ALA D 101 -12.21 -37.34 30.65
C ALA D 101 -13.25 -36.37 31.17
N THR D 102 -12.88 -35.65 32.23
CA THR D 102 -13.71 -34.65 32.84
C THR D 102 -12.96 -33.34 32.87
N TYR D 103 -13.60 -32.28 32.36
CA TYR D 103 -13.05 -30.90 32.39
C TYR D 103 -14.08 -29.96 32.97
N THR D 104 -13.62 -28.80 33.43
CA THR D 104 -14.42 -27.83 34.09
C THR D 104 -14.50 -26.56 33.23
N VAL D 105 -15.72 -26.01 33.10
CA VAL D 105 -15.96 -24.78 32.38
C VAL D 105 -16.42 -23.73 33.35
N LEU D 106 -15.73 -22.59 33.38
CA LEU D 106 -16.10 -21.43 34.19
C LEU D 106 -16.76 -20.41 33.26
N ILE D 107 -17.95 -19.95 33.63
CA ILE D 107 -18.59 -18.91 32.89
C ILE D 107 -18.08 -17.56 33.35
N THR D 108 -17.47 -16.82 32.42
CA THR D 108 -16.99 -15.46 32.66
C THR D 108 -17.85 -14.44 31.96
N SER D 109 -17.65 -13.18 32.34
CA SER D 109 -18.36 -12.05 31.75
C SER D 109 -18.31 -11.83 30.24
N SER D 110 -17.10 -11.78 29.66
CA SER D 110 -16.88 -11.18 28.35
C SER D 110 -16.28 -12.14 27.33
N GLN D 111 -16.74 -12.01 26.09
CA GLN D 111 -16.16 -12.65 24.93
C GLN D 111 -15.15 -11.68 24.31
N LYS D 112 -13.86 -12.05 24.27
CA LYS D 112 -12.88 -11.43 23.38
C LYS D 112 -12.67 -12.34 22.18
N GLN D 113 -11.96 -11.84 21.17
CA GLN D 113 -11.55 -12.61 20.00
C GLN D 113 -10.06 -12.52 19.93
N THR D 114 -9.42 -13.56 19.37
CA THR D 114 -8.01 -13.60 19.18
C THR D 114 -7.79 -13.31 17.71
N LEU D 115 -6.84 -12.42 17.42
CA LEU D 115 -6.46 -12.07 16.04
C LEU D 115 -5.30 -12.97 15.60
N TYR D 116 -5.48 -13.68 14.49
CA TYR D 116 -4.47 -14.59 13.89
C TYR D 116 -3.93 -13.98 12.58
N GLY D 117 -2.62 -13.74 12.53
CA GLY D 117 -1.94 -13.13 11.41
C GLY D 117 -1.80 -14.02 10.18
N ASN D 118 -2.07 -15.33 10.36
CA ASN D 118 -1.90 -16.39 9.33
C ASN D 118 -0.74 -16.15 8.34
N GLY D 119 0.48 -16.15 8.88
CA GLY D 119 1.67 -15.74 8.17
C GLY D 119 2.39 -14.65 8.94
N GLU D 120 1.88 -13.41 8.83
CA GLU D 120 2.62 -12.24 9.35
C GLU D 120 2.50 -12.15 10.86
N SER D 121 3.55 -11.61 11.50
CA SER D 121 3.50 -11.17 12.88
C SER D 121 2.49 -10.02 13.04
N THR D 122 2.43 -9.10 12.06
CA THR D 122 1.59 -7.89 12.10
C THR D 122 0.22 -8.01 11.41
N ILE D 123 -0.79 -7.42 12.06
CA ILE D 123 -2.16 -7.37 11.59
C ILE D 123 -2.59 -5.92 11.30
N SER D 124 -2.96 -5.68 10.03
CA SER D 124 -3.38 -4.37 9.57
C SER D 124 -4.73 -4.01 10.17
N THR D 125 -4.93 -2.72 10.45
CA THR D 125 -6.25 -2.16 10.77
C THR D 125 -6.62 -1.10 9.77
N TYR D 126 -7.90 -0.77 9.73
CA TYR D 126 -8.53 0.17 8.77
C TYR D 126 -9.47 1.13 9.52
N SER D 127 -9.76 2.25 8.88
CA SER D 127 -10.84 3.13 9.31
C SER D 127 -11.79 3.26 8.17
N ILE D 128 -13.08 3.37 8.52
CA ILE D 128 -14.11 3.49 7.52
C ILE D 128 -14.82 4.82 7.67
N TYR D 129 -14.92 5.53 6.55
CA TYR D 129 -15.55 6.87 6.44
C TYR D 129 -16.50 6.84 5.25
N GLY D 130 -17.82 6.89 5.53
CA GLY D 130 -18.84 6.51 4.56
C GLY D 130 -18.59 5.05 4.22
N ASN D 131 -18.34 4.80 2.94
CA ASN D 131 -18.07 3.46 2.44
C ASN D 131 -16.64 3.28 1.95
N ASN D 132 -15.77 4.18 2.41
CA ASN D 132 -14.37 4.19 2.03
C ASN D 132 -13.55 3.64 3.16
N VAL D 133 -12.68 2.69 2.83
CA VAL D 133 -11.86 2.00 3.80
C VAL D 133 -10.43 2.50 3.61
N LEU D 134 -9.85 3.02 4.69
CA LEU D 134 -8.52 3.59 4.66
C LEU D 134 -7.64 2.83 5.60
N CYS D 135 -6.41 2.54 5.16
CA CYS D 135 -5.41 1.90 5.99
C CYS D 135 -5.08 2.78 7.21
N ASN D 136 -5.21 2.20 8.39
CA ASN D 136 -4.93 2.89 9.63
C ASN D 136 -3.51 2.58 10.01
N SER D 137 -2.94 3.37 10.92
CA SER D 137 -1.58 3.20 11.36
C SER D 137 -1.52 2.21 12.51
N THR D 138 -2.61 2.06 13.28
CA THR D 138 -2.67 1.10 14.36
C THR D 138 -2.44 -0.31 13.80
N THR D 139 -1.66 -1.14 14.51
CA THR D 139 -1.50 -2.54 14.15
C THR D 139 -1.63 -3.40 15.38
N PHE D 140 -1.96 -4.68 15.15
CA PHE D 140 -1.98 -5.66 16.21
C PHE D 140 -0.98 -6.74 15.88
N LYS D 141 -0.54 -7.45 16.92
CA LYS D 141 0.34 -8.62 16.81
C LYS D 141 -0.54 -9.86 16.76
N ASP D 142 -0.13 -10.86 15.98
CA ASP D 142 -0.69 -12.22 16.03
C ASP D 142 -0.86 -12.62 17.49
N GLY D 143 -2.01 -13.21 17.80
CA GLY D 143 -2.37 -13.62 19.15
C GLY D 143 -2.96 -12.55 20.07
N ASP D 144 -3.03 -11.30 19.61
CA ASP D 144 -3.63 -10.22 20.41
C ASP D 144 -5.11 -10.51 20.61
N GLN D 145 -5.60 -10.10 21.77
CA GLN D 145 -6.96 -10.30 22.16
C GLN D 145 -7.69 -8.97 22.19
N VAL D 146 -8.84 -8.91 21.52
CA VAL D 146 -9.66 -7.72 21.46
C VAL D 146 -11.15 -8.01 21.58
N TYR D 147 -11.87 -6.97 21.99
CA TYR D 147 -13.35 -6.90 21.94
C TYR D 147 -13.76 -6.53 20.51
N VAL D 148 -14.83 -7.15 20.05
CA VAL D 148 -15.33 -6.97 18.72
C VAL D 148 -16.79 -6.57 18.80
N SER D 149 -17.17 -5.53 18.05
CA SER D 149 -18.54 -5.09 17.96
C SER D 149 -19.31 -6.19 17.23
N ASP D 150 -20.58 -6.34 17.57
CA ASP D 150 -21.47 -7.35 16.95
C ASP D 150 -21.85 -7.08 15.50
N GLN D 151 -21.80 -5.81 15.06
CA GLN D 151 -22.16 -5.44 13.69
C GLN D 151 -20.95 -5.30 12.82
N THR D 152 -20.86 -6.19 11.82
CA THR D 152 -19.80 -6.16 10.82
C THR D 152 -20.24 -5.23 9.71
N LYS D 153 -19.30 -4.85 8.85
CA LYS D 153 -19.55 -3.99 7.72
C LYS D 153 -18.78 -4.53 6.54
N THR D 154 -19.44 -4.63 5.39
CA THR D 154 -18.86 -5.26 4.20
C THR D 154 -18.69 -4.21 3.12
N VAL D 155 -17.49 -4.13 2.55
CA VAL D 155 -17.15 -3.08 1.60
C VAL D 155 -16.22 -3.70 0.59
N GLY D 156 -16.57 -3.57 -0.70
CA GLY D 156 -15.89 -4.23 -1.78
C GLY D 156 -15.85 -5.74 -1.59
N GLY D 157 -16.93 -6.32 -1.05
CA GLY D 157 -17.06 -7.74 -0.83
C GLY D 157 -16.21 -8.32 0.30
N VAL D 158 -15.56 -7.44 1.08
CA VAL D 158 -14.73 -7.86 2.20
C VAL D 158 -15.46 -7.46 3.48
N SER D 159 -15.54 -8.38 4.44
CA SER D 159 -16.14 -8.12 5.75
C SER D 159 -15.08 -7.59 6.71
N TYR D 160 -15.47 -6.56 7.47
CA TYR D 160 -14.63 -5.90 8.51
C TYR D 160 -15.38 -5.89 9.84
N SER D 161 -14.62 -6.10 10.92
CA SER D 161 -15.10 -6.05 12.27
C SER D 161 -14.43 -4.90 13.01
N GLN D 162 -15.24 -4.22 13.84
CA GLN D 162 -14.79 -3.03 14.56
C GLN D 162 -14.35 -3.49 15.94
N VAL D 163 -13.14 -3.09 16.34
CA VAL D 163 -12.49 -3.70 17.49
C VAL D 163 -11.92 -2.67 18.48
N SER D 164 -11.58 -3.15 19.68
CA SER D 164 -10.95 -2.35 20.70
C SER D 164 -10.32 -3.27 21.75
N PRO D 165 -9.11 -2.94 22.22
CA PRO D 165 -8.51 -3.66 23.35
C PRO D 165 -9.10 -3.25 24.71
N LYS D 166 -9.89 -2.19 24.78
CA LYS D 166 -10.38 -1.65 26.05
C LYS D 166 -11.69 -2.29 26.52
N SER D 167 -12.73 -2.25 25.68
CA SER D 167 -14.04 -2.77 26.02
C SER D 167 -14.90 -2.98 24.79
N LYS D 168 -15.96 -3.76 24.96
CA LYS D 168 -16.89 -4.01 23.87
C LYS D 168 -17.56 -2.72 23.46
N ASN D 169 -17.87 -1.87 24.43
CA ASN D 169 -18.57 -0.63 24.13
C ASN D 169 -17.69 0.28 23.27
N ASP D 170 -16.40 0.38 23.61
CA ASP D 170 -15.45 1.14 22.81
C ASP D 170 -15.33 0.61 21.37
N ALA D 171 -15.44 -0.69 21.20
CA ALA D 171 -15.40 -1.30 19.89
C ALA D 171 -16.54 -0.87 18.95
N ASN D 172 -17.66 -0.43 19.51
CA ASN D 172 -18.79 0.03 18.70
C ASN D 172 -18.60 1.35 17.97
N SER D 173 -17.59 2.13 18.37
CA SER D 173 -17.31 3.43 17.76
C SER D 173 -15.81 3.76 17.67
N SER D 174 -14.94 2.75 17.76
CA SER D 174 -13.49 2.94 17.73
C SER D 174 -12.95 3.46 16.39
N ASN D 175 -13.69 3.14 15.32
CA ASN D 175 -13.24 3.27 13.94
C ASN D 175 -11.86 2.62 13.67
N ILE D 176 -11.58 1.53 14.41
CA ILE D 176 -10.46 0.64 14.15
C ILE D 176 -11.05 -0.69 13.71
N TRP D 177 -10.81 -1.06 12.46
CA TRP D 177 -11.42 -2.23 11.88
C TRP D 177 -10.34 -3.19 11.41
N VAL D 178 -10.63 -4.50 11.52
CA VAL D 178 -9.79 -5.56 10.96
C VAL D 178 -10.64 -6.40 10.04
N LYS D 179 -10.01 -7.14 9.13
CA LYS D 179 -10.72 -8.09 8.31
C LYS D 179 -11.32 -9.19 9.18
N THR D 180 -12.62 -9.45 8.98
CA THR D 180 -13.35 -10.37 9.85
C THR D 180 -12.74 -11.78 9.89
N SER D 181 -12.37 -12.27 8.71
CA SER D 181 -11.60 -13.50 8.54
C SER D 181 -10.49 -13.81 9.58
N LEU D 182 -9.83 -12.76 10.12
CA LEU D 182 -8.63 -12.86 10.98
C LEU D 182 -8.88 -13.30 12.45
N GLU D 183 -10.16 -13.55 12.80
CA GLU D 183 -10.61 -14.16 14.07
C GLU D 183 -10.58 -15.70 14.11
N HIS D 184 -10.27 -16.34 12.97
CA HIS D 184 -10.11 -17.80 12.76
C HIS D 184 -8.64 -18.07 12.44
N HIS D 185 -8.13 -19.26 12.83
CA HIS D 185 -6.66 -19.53 12.83
C HIS D 185 -5.95 -19.56 11.46
#